data_7B4L
#
_entry.id   7B4L
#
_cell.length_a   1.00
_cell.length_b   1.00
_cell.length_c   1.00
_cell.angle_alpha   90.00
_cell.angle_beta   90.00
_cell.angle_gamma   90.00
#
_symmetry.space_group_name_H-M   'P 1'
#
loop_
_entity.id
_entity.type
_entity.pdbx_description
1 polymer 'Sodium/hydrogen exchanger 9B2'
2 non-polymer 'SODIUM ION'
3 non-polymer '(2S)-3-(hexadecanoyloxy)-2-[(9Z)-octadec-9-enoyloxy]propyl 2-(trimethylammonio)ethyl phosphate'
4 non-polymer TETRADECANE
5 non-polymer UNDECANE
6 water water
#
_entity_poly.entity_id   1
_entity_poly.type   'polypeptide(L)'
_entity_poly.pdbx_seq_one_letter_code
;MGDEDKRITYEDSEPSTGMNYTPSMHQEAQEETVMKLKGIDANEPTEGSILLKSSEKKLQETPTEANHVQRLRQMLACPP
HGLLDRVITNVTIIVLLWAVVWSITGSECLPGGNLFGIIILFYCAIIGGKLLGLIKLPTLPPLPSLLGMLLAGFLIRNIP
VINDNVQIKHKWSSSLRSIALSIILVRAGLGLDSKALKKLKGVCVRLSMGPCIVEACTSALLAHYLLGLPWQWGFILGFV
LGAVSPAVVVPSMLLLQGGGYGVEKGVPTLLMAAGSFDDILAITGFNTCLGIAFSTGSTVFNVLRGVLEVVIGVATGSVL
GFFIQYFPSRDQDKLVCKRTFLVLGLSVLAVFSSVHFGFPGSGGLCTLVMAFLAGMGWTSEKAEVEKIIAVAWDIFQPLL
FGLIGAEVSIASLRPETVGLCVATVGIAVLIRILTTFLMVCFAGFNLKEKIFISFAWLPKATVQAAIGSVALDTARSHGE
KQLEDYGMDVLTVAFLSILITAPIGSLLIGLLGPRLLQKVEHQNKDEEVQGETSVQV
;
_entity_poly.pdbx_strand_id   A,B
#
loop_
_chem_comp.id
_chem_comp.type
_chem_comp.name
_chem_comp.formula
C14 non-polymer TETRADECANE 'C14 H30'
NA non-polymer 'SODIUM ION' 'Na 1'
POV non-polymer '(2S)-3-(hexadecanoyloxy)-2-[(9Z)-octadec-9-enoyloxy]propyl 2-(trimethylammonio)ethyl phosphate' 'C42 H82 N O8 P'
UND non-polymer UNDECANE 'C11 H24'
#
# COMPACT_ATOMS: atom_id res chain seq x y z
N PRO A 79 16.27 -22.76 -22.18
CA PRO A 79 15.59 -21.63 -21.56
C PRO A 79 16.44 -20.38 -21.52
N PRO A 80 15.85 -19.22 -21.83
CA PRO A 80 16.61 -17.96 -21.77
C PRO A 80 17.13 -17.71 -20.36
N HIS A 81 18.35 -17.20 -20.30
CA HIS A 81 19.06 -17.05 -19.03
C HIS A 81 20.20 -16.06 -19.21
N GLY A 82 20.86 -15.75 -18.10
CA GLY A 82 21.99 -14.82 -18.14
C GLY A 82 21.52 -13.38 -18.13
N LEU A 83 22.29 -12.51 -18.80
CA LEU A 83 21.95 -11.09 -18.83
C LEU A 83 20.67 -10.81 -19.60
N LEU A 84 20.35 -11.63 -20.61
CA LEU A 84 19.11 -11.45 -21.35
C LEU A 84 17.89 -11.67 -20.44
N ASP A 85 17.99 -12.64 -19.54
CA ASP A 85 16.85 -12.98 -18.68
C ASP A 85 16.58 -11.86 -17.67
N ARG A 86 17.64 -11.27 -17.11
CA ARG A 86 17.48 -10.31 -16.02
C ARG A 86 16.93 -8.98 -16.54
N VAL A 87 17.38 -8.55 -17.73
CA VAL A 87 16.95 -7.26 -18.26
C VAL A 87 15.45 -7.29 -18.58
N ILE A 88 14.98 -8.38 -19.17
CA ILE A 88 13.58 -8.44 -19.59
C ILE A 88 12.67 -8.62 -18.39
N THR A 89 13.20 -9.17 -17.29
CA THR A 89 12.37 -9.32 -16.09
C THR A 89 12.06 -7.98 -15.46
N ASN A 90 13.08 -7.11 -15.35
CA ASN A 90 12.86 -5.77 -14.82
C ASN A 90 12.01 -4.90 -15.75
N VAL A 91 12.23 -4.99 -17.07
CA VAL A 91 11.49 -4.15 -18.01
C VAL A 91 9.99 -4.38 -17.87
N THR A 92 9.58 -5.64 -17.73
CA THR A 92 8.15 -5.93 -17.56
C THR A 92 7.64 -5.35 -16.25
N ILE A 93 8.43 -5.47 -15.18
CA ILE A 93 7.99 -5.01 -13.86
C ILE A 93 7.72 -3.50 -13.88
N ILE A 94 8.61 -2.73 -14.52
CA ILE A 94 8.38 -1.29 -14.63
C ILE A 94 7.09 -1.00 -15.37
N VAL A 95 6.88 -1.67 -16.51
CA VAL A 95 5.66 -1.45 -17.28
C VAL A 95 4.45 -2.02 -16.55
N LEU A 96 4.62 -3.17 -15.89
CA LEU A 96 3.51 -3.77 -15.15
C LEU A 96 3.09 -2.89 -13.99
N LEU A 97 4.06 -2.31 -13.27
CA LEU A 97 3.72 -1.51 -12.10
C LEU A 97 2.94 -0.26 -12.51
N TRP A 98 3.25 0.29 -13.68
CA TRP A 98 2.42 1.37 -14.21
C TRP A 98 1.07 0.84 -14.66
N ALA A 99 1.06 -0.29 -15.38
CA ALA A 99 -0.19 -0.83 -15.93
C ALA A 99 -1.16 -1.22 -14.84
N VAL A 100 -0.67 -1.89 -13.79
CA VAL A 100 -1.55 -2.30 -12.70
C VAL A 100 -2.19 -1.10 -12.04
N VAL A 101 -1.39 -0.06 -11.75
CA VAL A 101 -1.93 1.15 -11.15
C VAL A 101 -2.87 1.85 -12.12
N TRP A 102 -2.54 1.85 -13.41
CA TRP A 102 -3.38 2.55 -14.38
C TRP A 102 -4.77 1.95 -14.46
N SER A 103 -4.87 0.62 -14.50
CA SER A 103 -6.16 -0.02 -14.68
C SER A 103 -7.08 0.25 -13.50
N ILE A 104 -6.55 0.18 -12.29
CA ILE A 104 -7.37 0.42 -11.10
C ILE A 104 -7.77 1.89 -11.02
N THR A 105 -6.82 2.80 -11.24
CA THR A 105 -7.05 4.22 -11.01
C THR A 105 -7.55 4.98 -12.24
N GLY A 106 -7.15 4.58 -13.43
CA GLY A 106 -7.67 5.23 -14.62
C GLY A 106 -6.77 6.34 -15.12
N SER A 107 -7.34 7.52 -15.32
CA SER A 107 -6.63 8.63 -15.95
C SER A 107 -5.64 9.33 -15.02
N GLU A 108 -5.67 9.04 -13.72
CA GLU A 108 -4.69 9.64 -12.81
C GLU A 108 -3.30 9.10 -13.09
N CYS A 109 -3.18 7.90 -13.64
CA CYS A 109 -1.90 7.27 -13.92
C CYS A 109 -1.50 7.41 -15.40
N LEU A 110 -1.95 8.48 -16.05
CA LEU A 110 -1.61 8.78 -17.42
C LEU A 110 -0.87 10.12 -17.48
N PRO A 111 -0.25 10.45 -18.62
CA PRO A 111 0.42 11.74 -18.76
C PRO A 111 -0.42 12.90 -18.25
N GLY A 112 0.15 13.68 -17.33
CA GLY A 112 -0.56 14.77 -16.71
C GLY A 112 -1.31 14.41 -15.45
N GLY A 113 -0.98 13.27 -14.84
CA GLY A 113 -1.70 12.82 -13.66
C GLY A 113 -0.79 12.77 -12.46
N ASN A 114 -1.42 12.83 -11.28
CA ASN A 114 -0.67 12.86 -10.03
C ASN A 114 0.13 11.58 -9.83
N LEU A 115 -0.51 10.42 -10.08
CA LEU A 115 0.18 9.16 -9.85
C LEU A 115 1.24 8.89 -10.92
N PHE A 116 1.02 9.36 -12.15
CA PHE A 116 2.06 9.22 -13.17
C PHE A 116 3.32 9.95 -12.78
N GLY A 117 3.18 11.15 -12.19
CA GLY A 117 4.36 11.87 -11.74
C GLY A 117 5.19 11.08 -10.74
N ILE A 118 4.52 10.37 -9.84
CA ILE A 118 5.23 9.65 -8.79
C ILE A 118 6.01 8.46 -9.37
N ILE A 119 5.38 7.70 -10.27
CA ILE A 119 5.97 6.46 -10.73
C ILE A 119 7.26 6.72 -11.50
N ILE A 120 7.23 7.64 -12.47
CA ILE A 120 8.42 7.83 -13.30
C ILE A 120 9.45 8.69 -12.59
N LEU A 121 9.03 9.56 -11.67
CA LEU A 121 10.00 10.21 -10.79
C LEU A 121 10.73 9.18 -9.95
N PHE A 122 10.02 8.16 -9.49
CA PHE A 122 10.66 7.03 -8.82
C PHE A 122 11.65 6.34 -9.74
N TYR A 123 11.24 6.07 -10.99
CA TYR A 123 12.10 5.31 -11.90
C TYR A 123 13.22 6.18 -12.46
N CYS A 124 12.94 7.46 -12.76
CA CYS A 124 13.99 8.34 -13.25
C CYS A 124 15.06 8.54 -12.20
N ALA A 125 14.64 8.71 -10.93
CA ALA A 125 15.61 8.86 -9.86
C ALA A 125 16.45 7.59 -9.67
N ILE A 126 15.80 6.42 -9.74
CA ILE A 126 16.52 5.17 -9.61
C ILE A 126 17.52 5.00 -10.76
N ILE A 127 17.05 5.22 -11.99
CA ILE A 127 17.94 5.11 -13.14
C ILE A 127 19.02 6.17 -13.09
N GLY A 128 18.65 7.40 -12.73
CA GLY A 128 19.65 8.46 -12.59
C GLY A 128 20.70 8.12 -11.56
N GLY A 129 20.31 7.49 -10.46
CA GLY A 129 21.26 7.10 -9.45
C GLY A 129 22.24 6.06 -9.93
N LYS A 130 21.74 5.07 -10.68
CA LYS A 130 22.59 3.98 -11.17
C LYS A 130 23.62 4.49 -12.17
N LEU A 131 23.21 5.39 -13.07
CA LEU A 131 24.09 5.82 -14.15
C LEU A 131 25.30 6.56 -13.61
N LEU A 132 25.08 7.56 -12.75
CA LEU A 132 26.18 8.42 -12.31
C LEU A 132 27.20 7.64 -11.49
N GLY A 133 26.72 6.87 -10.50
CA GLY A 133 27.63 6.18 -9.60
C GLY A 133 28.32 4.97 -10.18
N LEU A 134 27.69 4.30 -11.15
CA LEU A 134 28.20 3.01 -11.61
C LEU A 134 28.65 3.04 -13.07
N ILE A 135 27.76 3.49 -13.97
CA ILE A 135 27.99 3.29 -15.39
C ILE A 135 28.71 4.48 -16.01
N LYS A 136 28.28 5.69 -15.66
CA LYS A 136 28.78 6.87 -16.38
C LYS A 136 30.14 7.31 -15.87
N LEU A 137 30.25 7.64 -14.59
CA LEU A 137 31.49 8.23 -14.09
C LEU A 137 31.97 7.56 -12.81
N PRO A 138 32.52 6.35 -12.88
CA PRO A 138 33.10 5.74 -11.67
C PRO A 138 34.60 5.93 -11.58
N THR A 139 35.21 6.58 -12.58
CA THR A 139 36.67 6.72 -12.60
C THR A 139 37.16 7.65 -11.49
N LEU A 140 36.44 8.74 -11.23
CA LEU A 140 36.69 9.57 -10.07
C LEU A 140 36.22 8.81 -8.83
N PRO A 141 36.59 9.27 -7.64
CA PRO A 141 36.04 8.66 -6.42
C PRO A 141 34.54 8.47 -6.53
N PRO A 142 34.03 7.27 -6.24
CA PRO A 142 32.67 6.91 -6.66
C PRO A 142 31.61 7.92 -6.26
N LEU A 143 31.05 8.58 -7.27
CA LEU A 143 30.06 9.62 -7.02
C LEU A 143 28.81 9.01 -6.40
N PRO A 144 28.31 9.56 -5.29
CA PRO A 144 27.19 8.93 -4.61
C PRO A 144 25.89 9.10 -5.36
N SER A 145 24.95 8.19 -5.06
CA SER A 145 23.65 8.20 -5.74
C SER A 145 22.81 9.42 -5.37
N LEU A 146 23.21 10.18 -4.34
CA LEU A 146 22.48 11.39 -3.99
C LEU A 146 22.48 12.39 -5.13
N LEU A 147 23.64 12.58 -5.77
CA LEU A 147 23.72 13.53 -6.87
C LEU A 147 22.88 13.08 -8.05
N GLY A 148 22.89 11.78 -8.35
CA GLY A 148 22.12 11.28 -9.48
C GLY A 148 20.63 11.50 -9.31
N MET A 149 20.09 11.15 -8.15
CA MET A 149 18.67 11.38 -7.88
C MET A 149 18.34 12.86 -7.86
N LEU A 150 19.23 13.67 -7.30
CA LEU A 150 18.97 15.11 -7.21
C LEU A 150 18.95 15.75 -8.59
N LEU A 151 19.81 15.27 -9.50
CA LEU A 151 19.82 15.81 -10.85
C LEU A 151 18.62 15.33 -11.65
N ALA A 152 18.17 14.09 -11.43
CA ALA A 152 17.03 13.56 -12.17
C ALA A 152 15.77 14.39 -11.90
N GLY A 153 15.54 14.75 -10.64
CA GLY A 153 14.43 15.65 -10.34
C GLY A 153 14.64 17.03 -10.91
N PHE A 154 15.90 17.50 -10.94
CA PHE A 154 16.20 18.81 -11.50
C PHE A 154 15.84 18.87 -12.98
N LEU A 155 16.19 17.85 -13.74
CA LEU A 155 15.90 17.86 -15.17
C LEU A 155 14.40 17.74 -15.43
N ILE A 156 13.71 16.91 -14.65
CA ILE A 156 12.28 16.72 -14.85
C ILE A 156 11.52 18.01 -14.60
N ARG A 157 11.95 18.77 -13.59
CA ARG A 157 11.24 20.00 -13.23
C ARG A 157 11.39 21.08 -14.30
N ASN A 158 12.58 21.21 -14.89
CA ASN A 158 12.90 22.39 -15.68
C ASN A 158 12.55 22.25 -17.15
N ILE A 159 12.76 21.09 -17.76
CA ILE A 159 12.42 20.96 -19.18
C ILE A 159 10.92 21.02 -19.35
N PRO A 160 10.38 21.95 -20.14
CA PRO A 160 8.92 22.11 -20.20
C PRO A 160 8.20 20.96 -20.86
N VAL A 161 8.83 20.28 -21.83
CA VAL A 161 8.16 19.18 -22.52
C VAL A 161 7.97 17.99 -21.58
N ILE A 162 8.89 17.80 -20.63
CA ILE A 162 8.78 16.70 -19.69
C ILE A 162 8.23 17.15 -18.34
N ASN A 163 7.96 18.44 -18.17
CA ASN A 163 7.38 18.94 -16.93
C ASN A 163 5.86 18.93 -16.96
N ASP A 164 5.27 19.39 -18.07
CA ASP A 164 3.81 19.41 -18.16
C ASP A 164 3.21 18.01 -18.08
N ASN A 165 3.99 16.99 -18.41
CA ASN A 165 3.55 15.60 -18.32
C ASN A 165 3.85 14.96 -16.97
N VAL A 166 4.56 15.66 -16.10
CA VAL A 166 4.95 15.13 -14.79
C VAL A 166 4.63 16.20 -13.76
N GLN A 167 3.54 16.00 -13.01
CA GLN A 167 3.08 17.04 -12.08
C GLN A 167 2.53 16.36 -10.83
N ILE A 168 3.36 16.32 -9.79
CA ILE A 168 2.90 15.84 -8.49
C ILE A 168 2.32 17.00 -7.68
N LYS A 169 1.24 16.73 -6.97
CA LYS A 169 0.59 17.72 -6.14
C LYS A 169 1.41 17.95 -4.87
N HIS A 170 1.23 19.14 -4.29
CA HIS A 170 2.06 19.52 -3.14
C HIS A 170 1.72 18.67 -1.92
N LYS A 171 0.45 18.28 -1.77
CA LYS A 171 0.06 17.49 -0.61
C LYS A 171 0.71 16.11 -0.64
N TRP A 172 0.79 15.50 -1.82
CA TRP A 172 1.50 14.24 -1.96
C TRP A 172 3.00 14.43 -1.85
N SER A 173 3.51 15.60 -2.27
CA SER A 173 4.94 15.85 -2.19
C SER A 173 5.41 15.92 -0.75
N SER A 174 4.71 16.71 0.08
CA SER A 174 5.09 16.84 1.48
C SER A 174 4.92 15.53 2.23
N SER A 175 3.84 14.80 1.95
CA SER A 175 3.57 13.57 2.68
C SER A 175 4.65 12.52 2.44
N LEU A 176 5.09 12.37 1.19
CA LEU A 176 6.11 11.36 0.89
C LEU A 176 7.45 11.74 1.51
N ARG A 177 7.77 13.04 1.52
CA ARG A 177 9.01 13.48 2.15
C ARG A 177 8.95 13.31 3.67
N SER A 178 7.78 13.55 4.26
CA SER A 178 7.65 13.39 5.70
C SER A 178 7.78 11.93 6.12
N ILE A 179 7.28 11.00 5.29
CA ILE A 179 7.44 9.59 5.57
C ILE A 179 8.90 9.19 5.47
N ALA A 180 9.61 9.76 4.50
CA ALA A 180 11.06 9.53 4.40
C ALA A 180 11.77 10.06 5.63
N LEU A 181 11.35 11.22 6.13
CA LEU A 181 11.92 11.75 7.36
C LEU A 181 11.60 10.86 8.55
N SER A 182 10.40 10.28 8.58
CA SER A 182 10.01 9.42 9.69
C SER A 182 10.86 8.15 9.72
N ILE A 183 11.15 7.59 8.55
CA ILE A 183 11.90 6.34 8.49
C ILE A 183 13.35 6.55 8.91
N ILE A 184 13.96 7.65 8.47
CA ILE A 184 15.38 7.86 8.73
C ILE A 184 15.65 8.09 10.21
N LEU A 185 14.71 8.76 10.89
CA LEU A 185 14.88 8.97 12.33
C LEU A 185 14.71 7.67 13.11
N VAL A 186 13.85 6.77 12.64
CA VAL A 186 13.71 5.47 13.30
C VAL A 186 15.01 4.70 13.21
N ARG A 187 15.64 4.71 12.03
CA ARG A 187 16.94 4.06 11.88
C ARG A 187 17.99 4.74 12.75
N ALA A 188 17.96 6.07 12.84
CA ALA A 188 18.88 6.78 13.72
C ALA A 188 18.64 6.44 15.18
N GLY A 189 17.37 6.36 15.59
CA GLY A 189 17.06 6.06 16.97
C GLY A 189 17.46 4.66 17.38
N LEU A 190 17.26 3.69 16.50
CA LEU A 190 17.59 2.30 16.78
C LEU A 190 19.07 1.99 16.59
N GLY A 191 19.92 3.00 16.47
CA GLY A 191 21.34 2.79 16.29
C GLY A 191 22.19 3.42 17.37
N LEU A 192 21.62 4.40 18.08
CA LEU A 192 22.34 5.08 19.14
C LEU A 192 22.74 4.12 20.24
N ASP A 193 24.00 4.23 20.68
CA ASP A 193 24.54 3.41 21.75
C ASP A 193 24.32 4.11 23.08
N SER A 194 23.62 3.44 23.99
CA SER A 194 23.24 4.05 25.25
C SER A 194 24.47 4.43 26.07
N LYS A 195 25.45 3.53 26.16
CA LYS A 195 26.66 3.83 26.91
C LYS A 195 27.46 4.95 26.26
N ALA A 196 27.53 4.96 24.92
CA ALA A 196 28.28 6.00 24.23
C ALA A 196 27.61 7.36 24.37
N LEU A 197 26.27 7.40 24.32
CA LEU A 197 25.57 8.66 24.49
C LEU A 197 25.71 9.18 25.91
N LYS A 198 25.95 8.28 26.86
CA LYS A 198 26.09 8.71 28.25
C LYS A 198 27.32 9.58 28.47
N LYS A 199 28.48 9.14 28.01
CA LYS A 199 29.70 9.91 28.19
C LYS A 199 29.88 10.98 27.11
N LEU A 200 28.95 11.10 26.17
CA LEU A 200 28.94 12.17 25.19
C LEU A 200 27.57 12.84 25.25
N LYS A 201 27.44 13.82 26.14
CA LYS A 201 26.23 14.63 26.24
C LYS A 201 26.50 16.11 26.08
N GLY A 202 27.54 16.64 26.72
CA GLY A 202 27.93 18.02 26.47
C GLY A 202 28.38 18.23 25.04
N VAL A 203 29.07 17.25 24.46
CA VAL A 203 29.54 17.37 23.10
C VAL A 203 28.37 17.35 22.12
N CYS A 204 27.39 16.47 22.36
CA CYS A 204 26.22 16.43 21.50
C CYS A 204 25.47 17.75 21.52
N VAL A 205 25.38 18.39 22.69
CA VAL A 205 24.71 19.68 22.78
C VAL A 205 25.53 20.77 22.10
N ARG A 206 26.86 20.74 22.28
CA ARG A 206 27.68 21.80 21.72
C ARG A 206 27.63 21.83 20.20
N LEU A 207 27.89 20.69 19.56
CA LEU A 207 28.02 20.70 18.10
C LEU A 207 26.66 20.77 17.43
N SER A 208 25.58 20.51 18.17
CA SER A 208 24.25 20.70 17.63
C SER A 208 23.89 22.18 17.55
N MET A 209 24.21 22.95 18.60
CA MET A 209 23.87 24.36 18.65
C MET A 209 25.07 25.29 18.47
N GLY A 210 26.28 24.76 18.37
CA GLY A 210 27.45 25.61 18.28
C GLY A 210 27.72 26.08 16.86
N PRO A 211 27.99 25.13 15.96
CA PRO A 211 28.18 25.52 14.56
C PRO A 211 26.98 26.23 13.94
N CYS A 212 25.77 25.85 14.33
CA CYS A 212 24.58 26.44 13.72
C CYS A 212 24.45 27.92 14.04
N ILE A 213 24.70 28.30 15.29
CA ILE A 213 24.57 29.72 15.67
C ILE A 213 25.67 30.55 15.03
N VAL A 214 26.91 30.05 15.06
CA VAL A 214 28.01 30.80 14.46
C VAL A 214 27.84 30.88 12.95
N GLU A 215 27.35 29.81 12.33
CA GLU A 215 27.08 29.85 10.90
C GLU A 215 25.96 30.84 10.59
N ALA A 216 24.95 30.91 11.45
CA ALA A 216 23.87 31.87 11.25
C ALA A 216 24.39 33.30 11.32
N CYS A 217 25.28 33.58 12.27
CA CYS A 217 25.82 34.93 12.41
C CYS A 217 26.77 35.26 11.26
N THR A 218 27.70 34.35 10.95
CA THR A 218 28.71 34.63 9.93
C THR A 218 28.07 34.78 8.56
N SER A 219 27.08 33.93 8.25
CA SER A 219 26.36 34.06 7.00
C SER A 219 25.58 35.37 6.95
N ALA A 220 24.99 35.77 8.08
CA ALA A 220 24.28 37.04 8.13
C ALA A 220 25.22 38.23 8.03
N LEU A 221 26.46 38.08 8.50
CA LEU A 221 27.46 39.12 8.30
C LEU A 221 27.78 39.29 6.82
N LEU A 222 27.92 38.17 6.10
CA LEU A 222 28.21 38.22 4.67
C LEU A 222 26.99 38.66 3.87
N ALA A 223 25.79 38.22 4.28
CA ALA A 223 24.58 38.56 3.54
C ALA A 223 24.34 40.07 3.54
N HIS A 224 24.76 40.76 4.60
CA HIS A 224 24.59 42.21 4.66
C HIS A 224 25.57 42.96 3.78
N TYR A 225 26.67 42.31 3.34
CA TYR A 225 27.69 42.98 2.54
C TYR A 225 27.77 42.40 1.14
N LEU A 226 27.93 41.08 0.98
CA LEU A 226 28.05 40.51 -0.35
C LEU A 226 26.72 40.53 -1.10
N LEU A 227 25.62 40.26 -0.40
CA LEU A 227 24.29 40.29 -1.01
C LEU A 227 23.57 41.61 -0.82
N GLY A 228 23.87 42.36 0.24
CA GLY A 228 23.21 43.62 0.50
C GLY A 228 21.89 43.52 1.21
N LEU A 229 21.47 42.32 1.63
CA LEU A 229 20.21 42.18 2.34
C LEU A 229 20.32 42.83 3.72
N PRO A 230 19.24 43.39 4.24
CA PRO A 230 19.27 43.96 5.58
C PRO A 230 19.39 42.88 6.65
N TRP A 231 19.53 43.33 7.90
CA TRP A 231 19.86 42.42 8.98
C TRP A 231 18.75 41.39 9.21
N GLN A 232 17.48 41.82 9.14
CA GLN A 232 16.37 40.89 9.34
C GLN A 232 16.39 39.77 8.31
N TRP A 233 16.60 40.13 7.03
CA TRP A 233 16.67 39.12 5.98
C TRP A 233 18.02 38.42 5.97
N GLY A 234 19.02 39.01 6.62
CA GLY A 234 20.29 38.32 6.79
C GLY A 234 20.19 37.12 7.70
N PHE A 235 19.36 37.22 8.75
CA PHE A 235 19.32 36.18 9.77
C PHE A 235 18.43 35.01 9.36
N ILE A 236 17.37 35.27 8.58
CA ILE A 236 16.59 34.16 8.04
C ILE A 236 17.42 33.42 6.99
N LEU A 237 18.29 34.15 6.28
CA LEU A 237 19.25 33.51 5.40
C LEU A 237 20.23 32.65 6.20
N GLY A 238 20.66 33.14 7.35
CA GLY A 238 21.57 32.37 8.18
C GLY A 238 20.95 31.09 8.69
N PHE A 239 19.71 31.18 9.22
CA PHE A 239 19.09 30.02 9.83
C PHE A 239 18.66 28.99 8.78
N VAL A 240 18.20 29.45 7.61
CA VAL A 240 17.84 28.52 6.55
C VAL A 240 19.08 27.81 6.04
N LEU A 241 20.24 28.45 6.16
CA LEU A 241 21.51 27.86 5.74
C LEU A 241 22.22 27.10 6.87
N GLY A 242 21.65 27.09 8.07
CA GLY A 242 22.37 26.55 9.20
C GLY A 242 22.16 25.06 9.41
N ALA A 243 20.91 24.62 9.32
CA ALA A 243 20.54 23.28 9.78
C ALA A 243 21.16 22.19 8.93
N VAL A 244 21.79 21.22 9.59
CA VAL A 244 22.36 20.06 8.90
C VAL A 244 21.20 19.12 8.56
N SER A 245 21.45 18.16 7.67
CA SER A 245 20.43 17.23 7.24
C SER A 245 20.72 15.82 7.73
N PRO A 246 19.79 15.17 8.43
CA PRO A 246 20.01 13.79 8.89
C PRO A 246 19.71 12.73 7.83
N ALA A 247 19.25 13.12 6.65
CA ALA A 247 19.01 12.17 5.57
C ALA A 247 20.28 11.84 4.77
N VAL A 248 21.36 12.59 4.99
CA VAL A 248 22.63 12.35 4.31
C VAL A 248 23.61 11.75 5.30
N VAL A 249 23.55 12.23 6.55
CA VAL A 249 24.50 11.79 7.56
C VAL A 249 24.15 10.40 8.07
N VAL A 250 22.89 10.21 8.51
CA VAL A 250 22.51 8.95 9.15
C VAL A 250 22.69 7.75 8.24
N PRO A 251 22.25 7.77 6.97
CA PRO A 251 22.52 6.60 6.11
C PRO A 251 24.00 6.29 5.96
N SER A 252 24.84 7.33 5.95
CA SER A 252 26.27 7.13 5.75
C SER A 252 26.93 6.58 7.01
N MET A 253 26.56 7.11 8.18
CA MET A 253 27.23 6.69 9.42
C MET A 253 26.74 5.32 9.90
N LEU A 254 25.55 4.89 9.46
CA LEU A 254 25.08 3.57 9.83
C LEU A 254 25.91 2.48 9.17
N LEU A 255 26.41 2.75 7.97
CA LEU A 255 27.32 1.80 7.32
C LEU A 255 28.64 1.71 8.07
N LEU A 256 29.16 2.84 8.55
CA LEU A 256 30.37 2.83 9.36
C LEU A 256 30.14 2.07 10.66
N GLN A 257 28.98 2.25 11.29
CA GLN A 257 28.66 1.49 12.48
C GLN A 257 28.52 0.00 12.19
N GLY A 258 28.03 -0.35 10.99
CA GLY A 258 27.94 -1.75 10.62
C GLY A 258 29.31 -2.41 10.56
N GLY A 259 30.31 -1.70 10.06
CA GLY A 259 31.68 -2.16 10.06
C GLY A 259 32.45 -1.88 11.32
N GLY A 260 31.84 -1.17 12.28
CA GLY A 260 32.51 -0.84 13.52
C GLY A 260 33.74 0.03 13.29
N TYR A 261 33.60 1.06 12.46
CA TYR A 261 34.77 1.85 12.09
C TYR A 261 35.11 2.87 13.18
N GLY A 262 34.15 3.25 14.01
CA GLY A 262 34.43 4.25 15.03
C GLY A 262 33.68 4.07 16.34
N VAL A 263 33.14 2.87 16.57
CA VAL A 263 32.29 2.66 17.75
C VAL A 263 33.08 2.52 19.04
N GLU A 264 34.42 2.53 18.98
CA GLU A 264 35.20 2.45 20.21
C GLU A 264 34.96 3.66 21.11
N LYS A 265 34.89 4.85 20.52
CA LYS A 265 34.74 6.08 21.27
C LYS A 265 33.42 6.78 21.03
N GLY A 266 32.66 6.38 20.02
CA GLY A 266 31.29 6.85 19.86
C GLY A 266 31.06 7.91 18.80
N VAL A 267 31.92 8.00 17.78
CA VAL A 267 31.70 8.97 16.72
C VAL A 267 30.39 8.73 15.96
N PRO A 268 30.05 7.50 15.55
CA PRO A 268 28.77 7.32 14.83
C PRO A 268 27.56 7.74 15.64
N THR A 269 27.55 7.50 16.95
CA THR A 269 26.41 7.91 17.77
C THR A 269 26.43 9.41 18.01
N LEU A 270 27.62 10.02 17.98
CA LEU A 270 27.73 11.46 18.15
C LEU A 270 27.02 12.21 17.02
N LEU A 271 27.19 11.75 15.79
CA LEU A 271 26.67 12.47 14.64
C LEU A 271 25.24 12.11 14.29
N MET A 272 24.65 11.10 14.92
CA MET A 272 23.26 10.75 14.68
C MET A 272 22.31 11.29 15.73
N ALA A 273 22.78 11.55 16.94
CA ALA A 273 21.95 12.10 18.01
C ALA A 273 21.88 13.62 18.00
N ALA A 274 22.88 14.28 17.43
CA ALA A 274 22.91 15.75 17.46
C ALA A 274 21.99 16.35 16.40
N GLY A 275 21.50 15.55 15.46
CA GLY A 275 20.67 16.09 14.39
C GLY A 275 19.30 16.53 14.86
N SER A 276 18.97 16.29 16.13
CA SER A 276 17.63 16.58 16.61
C SER A 276 17.47 18.07 16.94
N PHE A 277 18.32 18.61 17.80
CA PHE A 277 18.13 19.96 18.33
C PHE A 277 18.51 21.06 17.36
N ASP A 278 19.27 20.77 16.32
CA ASP A 278 19.67 21.83 15.39
C ASP A 278 18.50 22.26 14.51
N ASP A 279 17.57 21.34 14.23
CA ASP A 279 16.40 21.71 13.45
C ASP A 279 15.39 22.48 14.30
N ILE A 280 15.29 22.15 15.59
CA ILE A 280 14.46 22.93 16.49
C ILE A 280 14.96 24.35 16.59
N LEU A 281 16.28 24.54 16.68
CA LEU A 281 16.85 25.87 16.74
C LEU A 281 16.72 26.61 15.42
N ALA A 282 16.93 25.91 14.29
CA ALA A 282 16.88 26.56 12.99
C ALA A 282 15.48 27.04 12.66
N ILE A 283 14.48 26.16 12.80
CA ILE A 283 13.11 26.53 12.47
C ILE A 283 12.62 27.63 13.41
N THR A 284 12.91 27.50 14.71
CA THR A 284 12.56 28.56 15.64
C THR A 284 13.31 29.84 15.33
N GLY A 285 14.59 29.73 14.98
CA GLY A 285 15.34 30.90 14.54
C GLY A 285 14.82 31.47 13.25
N PHE A 286 14.45 30.60 12.30
CA PHE A 286 13.88 31.06 11.05
C PHE A 286 12.56 31.78 11.27
N ASN A 287 11.68 31.20 12.10
CA ASN A 287 10.34 31.74 12.25
C ASN A 287 10.35 33.09 12.96
N THR A 288 11.07 33.20 14.08
CA THR A 288 11.05 34.44 14.85
C THR A 288 11.75 35.57 14.09
N CYS A 289 12.71 35.23 13.23
CA CYS A 289 13.34 36.24 12.39
C CYS A 289 12.53 36.52 11.14
N LEU A 290 11.67 35.58 10.74
CA LEU A 290 10.78 35.83 9.61
C LEU A 290 9.67 36.80 9.99
N GLY A 291 9.09 36.63 11.20
CA GLY A 291 8.04 37.52 11.62
C GLY A 291 8.50 38.96 11.75
N ILE A 292 9.67 39.18 12.35
CA ILE A 292 10.17 40.54 12.50
C ILE A 292 10.50 41.17 11.15
N ALA A 293 10.74 40.36 10.12
CA ALA A 293 10.92 40.90 8.78
C ALA A 293 9.61 41.40 8.20
N PHE A 294 8.49 40.81 8.62
CA PHE A 294 7.17 41.22 8.19
C PHE A 294 6.36 41.89 9.28
N SER A 295 6.91 42.02 10.49
CA SER A 295 6.27 42.72 11.60
C SER A 295 4.89 42.14 11.90
N THR A 296 4.85 40.82 12.10
CA THR A 296 3.63 40.14 12.49
C THR A 296 3.95 39.18 13.63
N GLY A 297 2.98 39.00 14.53
CA GLY A 297 3.18 38.17 15.69
C GLY A 297 4.07 38.84 16.72
N SER A 298 4.52 38.03 17.68
CA SER A 298 5.41 38.50 18.73
C SER A 298 6.57 37.51 18.88
N THR A 299 7.74 38.04 19.20
CA THR A 299 8.91 37.20 19.35
C THR A 299 8.80 36.28 20.55
N VAL A 300 7.97 36.63 21.53
CA VAL A 300 7.91 35.86 22.78
C VAL A 300 7.38 34.45 22.51
N PHE A 301 6.28 34.34 21.78
CA PHE A 301 5.70 33.02 21.54
C PHE A 301 6.57 32.21 20.58
N ASN A 302 7.10 32.84 19.54
CA ASN A 302 7.90 32.12 18.56
C ASN A 302 9.14 31.51 19.18
N VAL A 303 9.82 32.26 20.05
CA VAL A 303 10.95 31.69 20.78
C VAL A 303 10.47 30.68 21.81
N LEU A 304 9.38 30.99 22.54
CA LEU A 304 8.87 30.05 23.52
C LEU A 304 8.33 28.79 22.87
N ARG A 305 7.90 28.86 21.60
CA ARG A 305 7.48 27.65 20.91
C ARG A 305 8.64 26.65 20.82
N GLY A 306 9.83 27.14 20.48
CA GLY A 306 10.97 26.24 20.36
C GLY A 306 11.28 25.50 21.65
N VAL A 307 11.11 26.17 22.79
CA VAL A 307 11.27 25.49 24.07
C VAL A 307 10.16 24.47 24.29
N LEU A 308 8.93 24.83 23.89
CA LEU A 308 7.82 23.91 24.06
C LEU A 308 7.95 22.68 23.17
N GLU A 309 8.55 22.84 21.98
CA GLU A 309 8.79 21.69 21.11
C GLU A 309 9.65 20.64 21.82
N VAL A 310 10.61 21.10 22.62
CA VAL A 310 11.47 20.18 23.35
C VAL A 310 10.70 19.46 24.45
N VAL A 311 9.89 20.20 25.22
CA VAL A 311 9.27 19.64 26.40
C VAL A 311 8.18 18.63 26.02
N ILE A 312 7.37 18.95 25.01
CA ILE A 312 6.31 18.03 24.60
C ILE A 312 6.90 16.92 23.72
N GLY A 313 8.02 17.21 23.05
CA GLY A 313 8.66 16.17 22.26
C GLY A 313 9.20 15.06 23.13
N VAL A 314 9.85 15.42 24.25
CA VAL A 314 10.35 14.40 25.17
C VAL A 314 9.21 13.75 25.92
N ALA A 315 8.26 14.55 26.41
CA ALA A 315 7.17 14.02 27.23
C ALA A 315 6.32 13.03 26.45
N THR A 316 5.91 13.42 25.23
CA THR A 316 5.19 12.48 24.37
C THR A 316 6.08 11.32 23.96
N GLY A 317 7.33 11.61 23.64
CA GLY A 317 8.25 10.56 23.22
C GLY A 317 8.57 9.58 24.33
N SER A 318 8.70 10.08 25.57
CA SER A 318 9.08 9.21 26.68
C SER A 318 7.99 8.19 26.98
N VAL A 319 6.74 8.65 27.14
CA VAL A 319 5.65 7.74 27.47
C VAL A 319 5.41 6.75 26.34
N LEU A 320 5.61 7.18 25.09
CA LEU A 320 5.51 6.27 23.96
C LEU A 320 6.66 5.27 23.94
N GLY A 321 7.84 5.70 24.40
CA GLY A 321 8.98 4.80 24.40
C GLY A 321 8.82 3.63 25.36
N PHE A 322 8.35 3.90 26.57
CA PHE A 322 8.07 2.80 27.50
C PHE A 322 6.82 2.04 27.10
N PHE A 323 5.95 2.66 26.30
CA PHE A 323 4.74 2.01 25.82
C PHE A 323 5.07 0.82 24.93
N ILE A 324 5.89 1.04 23.90
CA ILE A 324 6.22 -0.03 22.96
C ILE A 324 7.18 -1.03 23.58
N GLN A 325 8.01 -0.58 24.52
CA GLN A 325 9.07 -1.42 25.05
C GLN A 325 8.53 -2.62 25.84
N TYR A 326 7.29 -2.57 26.32
CA TYR A 326 6.73 -3.67 27.10
C TYR A 326 5.61 -4.44 26.41
N PHE A 327 4.66 -3.77 25.76
CA PHE A 327 3.39 -4.43 25.46
C PHE A 327 3.51 -5.46 24.35
N PRO A 328 4.30 -5.26 23.29
CA PRO A 328 4.70 -6.41 22.47
C PRO A 328 5.77 -7.21 23.21
N SER A 329 5.36 -8.32 23.81
CA SER A 329 6.23 -9.11 24.67
C SER A 329 6.75 -10.33 23.93
N ARG A 330 7.73 -10.99 24.53
CA ARG A 330 8.44 -12.10 23.90
C ARG A 330 7.62 -13.38 23.81
N ASP A 331 6.34 -13.34 24.19
CA ASP A 331 5.48 -14.52 24.14
C ASP A 331 4.44 -14.43 23.03
N GLN A 332 4.60 -13.50 22.10
CA GLN A 332 3.66 -13.36 20.99
C GLN A 332 4.23 -14.01 19.73
N ASP A 333 3.41 -14.08 18.68
CA ASP A 333 3.79 -14.77 17.46
C ASP A 333 4.30 -13.82 16.37
N LYS A 334 3.49 -12.82 16.00
CA LYS A 334 3.88 -11.86 14.98
C LYS A 334 4.63 -10.68 15.62
N LEU A 335 5.66 -11.03 16.40
CA LEU A 335 6.34 -10.02 17.21
C LEU A 335 7.05 -8.99 16.34
N VAL A 336 7.85 -9.45 15.37
CA VAL A 336 8.61 -8.51 14.55
C VAL A 336 7.68 -7.66 13.70
N CYS A 337 6.64 -8.27 13.12
CA CYS A 337 5.69 -7.52 12.31
C CYS A 337 4.94 -6.49 13.15
N LYS A 338 4.55 -6.87 14.36
CA LYS A 338 3.80 -5.95 15.21
C LYS A 338 4.70 -4.83 15.72
N ARG A 339 5.96 -5.14 16.03
CA ARG A 339 6.88 -4.12 16.52
C ARG A 339 7.17 -3.08 15.45
N THR A 340 7.55 -3.52 14.25
CA THR A 340 7.97 -2.60 13.20
C THR A 340 6.82 -1.68 12.79
N PHE A 341 5.58 -2.17 12.87
CA PHE A 341 4.43 -1.32 12.61
C PHE A 341 4.28 -0.26 13.69
N LEU A 342 4.55 -0.63 14.94
CA LEU A 342 4.32 0.28 16.06
C LEU A 342 5.27 1.47 16.02
N VAL A 343 6.57 1.21 15.85
CA VAL A 343 7.56 2.29 15.91
C VAL A 343 7.40 3.22 14.72
N LEU A 344 7.27 2.67 13.51
CA LEU A 344 7.18 3.51 12.33
C LEU A 344 5.79 4.12 12.19
N GLY A 345 4.76 3.38 12.60
CA GLY A 345 3.41 3.93 12.57
C GLY A 345 3.24 5.09 13.52
N LEU A 346 3.77 4.95 14.74
CA LEU A 346 3.72 6.07 15.69
C LEU A 346 4.65 7.20 15.26
N SER A 347 5.75 6.86 14.60
CA SER A 347 6.65 7.90 14.08
C SER A 347 5.95 8.73 13.01
N VAL A 348 5.21 8.08 12.11
CA VAL A 348 4.43 8.81 11.11
C VAL A 348 3.33 9.62 11.78
N LEU A 349 2.70 9.05 12.81
CA LEU A 349 1.67 9.77 13.55
C LEU A 349 2.26 10.99 14.25
N ALA A 350 3.45 10.84 14.84
CA ALA A 350 4.05 11.95 15.56
C ALA A 350 4.41 13.09 14.63
N VAL A 351 4.98 12.77 13.46
CA VAL A 351 5.44 13.81 12.54
C VAL A 351 4.27 14.58 11.95
N PHE A 352 3.25 13.87 11.50
CA PHE A 352 2.14 14.53 10.80
C PHE A 352 1.24 15.28 11.76
N SER A 353 0.96 14.71 12.94
CA SER A 353 0.10 15.39 13.90
C SER A 353 0.75 16.65 14.43
N SER A 354 2.06 16.61 14.69
CA SER A 354 2.76 17.79 15.19
C SER A 354 2.70 18.93 14.17
N VAL A 355 2.89 18.62 12.89
CA VAL A 355 2.74 19.63 11.85
C VAL A 355 1.32 20.15 11.81
N HIS A 356 0.33 19.25 11.91
CA HIS A 356 -1.07 19.66 11.86
C HIS A 356 -1.43 20.54 13.05
N PHE A 357 -1.05 20.13 14.26
CA PHE A 357 -1.44 20.87 15.45
C PHE A 357 -0.64 22.16 15.65
N GLY A 358 0.46 22.34 14.91
CA GLY A 358 1.19 23.58 14.97
C GLY A 358 2.49 23.56 15.76
N PHE A 359 3.12 22.39 15.92
CA PHE A 359 4.40 22.28 16.61
C PHE A 359 5.38 21.49 15.74
N PRO A 360 5.79 22.04 14.60
CA PRO A 360 6.74 21.32 13.74
C PRO A 360 8.08 21.13 14.44
N GLY A 361 8.70 19.99 14.17
CA GLY A 361 9.97 19.64 14.77
C GLY A 361 9.85 18.85 16.05
N SER A 362 8.66 18.82 16.67
CA SER A 362 8.42 17.97 17.82
C SER A 362 8.11 16.53 17.43
N GLY A 363 7.95 16.26 16.14
CA GLY A 363 7.82 14.90 15.65
C GLY A 363 9.13 14.25 15.28
N GLY A 364 10.22 15.02 15.28
CA GLY A 364 11.54 14.47 15.03
C GLY A 364 12.27 14.17 16.33
N LEU A 365 12.04 15.01 17.34
CA LEU A 365 12.58 14.72 18.66
C LEU A 365 11.79 13.61 19.35
N CYS A 366 10.47 13.58 19.13
CA CYS A 366 9.67 12.48 19.67
C CYS A 366 10.06 11.16 19.04
N THR A 367 10.20 11.14 17.71
CA THR A 367 10.55 9.90 17.01
C THR A 367 11.93 9.40 17.45
N LEU A 368 12.90 10.30 17.56
CA LEU A 368 14.25 9.88 17.96
C LEU A 368 14.28 9.40 19.39
N VAL A 369 13.45 9.99 20.26
CA VAL A 369 13.45 9.59 21.66
C VAL A 369 12.73 8.26 21.84
N MET A 370 11.54 8.12 21.23
CA MET A 370 10.77 6.89 21.42
C MET A 370 11.47 5.69 20.80
N ALA A 371 12.10 5.88 19.64
CA ALA A 371 12.84 4.80 19.00
C ALA A 371 14.04 4.39 19.84
N PHE A 372 14.73 5.37 20.42
CA PHE A 372 15.90 5.07 21.24
C PHE A 372 15.51 4.28 22.49
N LEU A 373 14.48 4.74 23.20
CA LEU A 373 14.04 4.03 24.39
C LEU A 373 13.48 2.65 24.05
N ALA A 374 12.74 2.54 22.94
CA ALA A 374 12.26 1.23 22.49
C ALA A 374 13.42 0.30 22.18
N GLY A 375 14.55 0.86 21.73
CA GLY A 375 15.73 0.05 21.45
C GLY A 375 16.44 -0.46 22.69
N MET A 376 16.24 0.19 23.84
CA MET A 376 16.92 -0.21 25.06
C MET A 376 16.23 -1.38 25.76
N GLY A 377 14.98 -1.67 25.41
CA GLY A 377 14.33 -2.86 25.91
C GLY A 377 14.47 -3.99 24.91
N TRP A 378 14.72 -3.62 23.65
CA TRP A 378 14.96 -4.57 22.58
C TRP A 378 16.47 -4.77 22.49
N THR A 379 17.01 -5.51 23.46
CA THR A 379 18.45 -5.60 23.63
C THR A 379 19.13 -6.18 22.41
N SER A 380 18.65 -7.33 21.93
CA SER A 380 19.21 -7.97 20.74
C SER A 380 18.16 -8.27 19.68
N GLU A 381 16.88 -8.19 20.02
CA GLU A 381 15.80 -8.45 19.08
C GLU A 381 15.37 -7.20 18.32
N LYS A 382 16.14 -6.13 18.40
CA LYS A 382 15.92 -4.96 17.56
C LYS A 382 16.54 -5.10 16.18
N ALA A 383 17.42 -6.08 16.00
CA ALA A 383 18.14 -6.23 14.73
C ALA A 383 17.18 -6.52 13.59
N GLU A 384 16.22 -7.43 13.80
CA GLU A 384 15.30 -7.78 12.73
C GLU A 384 14.40 -6.62 12.36
N VAL A 385 14.14 -5.72 13.30
CA VAL A 385 13.26 -4.58 13.02
C VAL A 385 13.92 -3.62 12.05
N GLU A 386 15.19 -3.29 12.29
CA GLU A 386 15.84 -2.25 11.49
C GLU A 386 16.16 -2.73 10.08
N LYS A 387 16.28 -4.05 9.88
CA LYS A 387 16.45 -4.57 8.54
C LYS A 387 15.22 -4.27 7.67
N ILE A 388 14.02 -4.43 8.24
CA ILE A 388 12.81 -4.08 7.52
C ILE A 388 12.76 -2.57 7.29
N ILE A 389 13.22 -1.79 8.28
CA ILE A 389 13.28 -0.35 8.10
C ILE A 389 14.31 0.02 7.04
N ALA A 390 15.41 -0.72 6.99
CA ALA A 390 16.44 -0.46 5.98
C ALA A 390 15.90 -0.70 4.57
N VAL A 391 15.09 -1.75 4.39
CA VAL A 391 14.49 -2.02 3.09
C VAL A 391 13.52 -0.90 2.72
N ALA A 392 12.76 -0.40 3.69
CA ALA A 392 11.83 0.68 3.43
C ALA A 392 12.57 1.96 3.01
N TRP A 393 13.72 2.22 3.62
CA TRP A 393 14.51 3.40 3.25
C TRP A 393 15.00 3.31 1.82
N ASP A 394 15.42 2.11 1.38
CA ASP A 394 15.90 1.95 0.02
C ASP A 394 14.81 2.28 -1.00
N ILE A 395 13.55 2.08 -0.63
CA ILE A 395 12.44 2.43 -1.51
C ILE A 395 12.11 3.92 -1.46
N PHE A 396 12.35 4.58 -0.33
CA PHE A 396 12.00 5.98 -0.17
C PHE A 396 13.13 6.96 -0.43
N GLN A 397 14.38 6.50 -0.47
CA GLN A 397 15.48 7.41 -0.80
C GLN A 397 15.33 8.00 -2.20
N PRO A 398 15.03 7.22 -3.25
CA PRO A 398 14.81 7.86 -4.57
C PRO A 398 13.69 8.90 -4.55
N LEU A 399 12.63 8.65 -3.79
CA LEU A 399 11.52 9.59 -3.73
C LEU A 399 11.92 10.88 -3.05
N LEU A 400 12.57 10.78 -1.88
CA LEU A 400 12.90 11.97 -1.10
C LEU A 400 13.87 12.87 -1.85
N PHE A 401 14.97 12.31 -2.33
CA PHE A 401 15.99 13.12 -2.99
C PHE A 401 15.53 13.55 -4.38
N GLY A 402 14.78 12.70 -5.06
CA GLY A 402 14.21 13.09 -6.34
C GLY A 402 13.23 14.24 -6.22
N LEU A 403 12.39 14.21 -5.19
CA LEU A 403 11.45 15.31 -4.98
C LEU A 403 12.16 16.60 -4.62
N ILE A 404 13.22 16.51 -3.80
CA ILE A 404 13.95 17.70 -3.38
C ILE A 404 14.50 18.45 -4.59
N GLY A 405 15.08 17.73 -5.54
CA GLY A 405 15.56 18.36 -6.76
C GLY A 405 14.42 18.83 -7.64
N ALA A 406 13.20 18.35 -7.38
CA ALA A 406 12.05 18.75 -8.18
C ALA A 406 11.44 20.07 -7.74
N GLU A 407 11.86 20.64 -6.62
CA GLU A 407 11.39 21.97 -6.23
C GLU A 407 12.21 23.10 -6.84
N VAL A 408 13.50 22.87 -7.08
CA VAL A 408 14.39 23.90 -7.59
C VAL A 408 14.12 24.16 -9.07
N SER A 409 13.62 25.35 -9.38
CA SER A 409 13.48 25.80 -10.74
C SER A 409 14.67 26.67 -11.15
N ILE A 410 14.55 27.34 -12.29
CA ILE A 410 15.52 28.34 -12.72
C ILE A 410 14.84 29.67 -13.01
N ALA A 411 13.56 29.79 -12.67
CA ALA A 411 12.86 31.07 -12.70
C ALA A 411 12.85 31.76 -11.36
N SER A 412 13.15 31.04 -10.28
CA SER A 412 13.28 31.60 -8.95
C SER A 412 14.73 31.92 -8.60
N LEU A 413 15.67 31.62 -9.49
CA LEU A 413 17.07 31.94 -9.31
C LEU A 413 17.43 33.13 -10.19
N ARG A 414 18.43 33.89 -9.76
CA ARG A 414 18.79 35.11 -10.45
C ARG A 414 20.20 35.01 -11.01
N PRO A 415 20.38 35.14 -12.33
CA PRO A 415 21.74 35.04 -12.89
C PRO A 415 22.62 36.24 -12.55
N GLU A 416 22.04 37.36 -12.13
CA GLU A 416 22.84 38.49 -11.68
C GLU A 416 23.65 38.11 -10.45
N THR A 417 23.10 37.27 -9.58
CA THR A 417 23.75 36.86 -8.34
C THR A 417 23.73 35.32 -8.23
N VAL A 418 24.75 34.71 -8.82
CA VAL A 418 25.10 33.33 -8.50
C VAL A 418 26.56 33.20 -8.08
N GLY A 419 27.44 34.05 -8.60
CA GLY A 419 28.86 33.95 -8.25
C GLY A 419 29.12 34.28 -6.80
N LEU A 420 28.49 35.34 -6.30
CA LEU A 420 28.68 35.75 -4.91
C LEU A 420 27.65 35.13 -3.98
N CYS A 421 26.62 34.46 -4.50
CA CYS A 421 25.81 33.57 -3.69
C CYS A 421 26.51 32.24 -3.43
N VAL A 422 27.52 31.92 -4.24
CA VAL A 422 28.44 30.85 -3.89
C VAL A 422 29.42 31.33 -2.84
N ALA A 423 29.71 32.63 -2.82
CA ALA A 423 30.65 33.18 -1.85
C ALA A 423 30.12 33.01 -0.43
N THR A 424 28.86 33.37 -0.19
CA THR A 424 28.29 33.20 1.14
C THR A 424 28.22 31.73 1.52
N VAL A 425 27.81 30.87 0.59
CA VAL A 425 27.79 29.43 0.88
C VAL A 425 29.21 28.91 1.04
N GLY A 426 30.11 29.34 0.17
CA GLY A 426 31.49 28.88 0.22
C GLY A 426 32.22 29.27 1.49
N ILE A 427 32.08 30.53 1.91
CA ILE A 427 32.75 30.98 3.11
C ILE A 427 32.07 30.40 4.35
N ALA A 428 30.74 30.30 4.35
CA ALA A 428 30.04 29.76 5.51
C ALA A 428 30.41 28.31 5.78
N VAL A 429 30.60 27.52 4.73
CA VAL A 429 31.08 26.14 4.90
C VAL A 429 32.45 26.14 5.55
N LEU A 430 33.34 27.05 5.11
CA LEU A 430 34.62 27.18 5.77
C LEU A 430 34.46 27.55 7.23
N ILE A 431 33.53 28.47 7.53
CA ILE A 431 33.24 28.81 8.92
C ILE A 431 32.66 27.61 9.66
N ARG A 432 31.71 26.92 9.05
CA ARG A 432 31.06 25.78 9.71
C ARG A 432 32.07 24.70 10.05
N ILE A 433 33.00 24.43 9.13
CA ILE A 433 34.05 23.45 9.41
C ILE A 433 34.93 23.94 10.55
N LEU A 434 35.25 25.24 10.55
CA LEU A 434 36.18 25.77 11.56
C LEU A 434 35.57 25.71 12.96
N THR A 435 34.30 26.09 13.09
CA THR A 435 33.67 26.11 14.41
C THR A 435 33.40 24.69 14.90
N THR A 436 33.06 23.77 14.00
CA THR A 436 32.85 22.38 14.40
C THR A 436 34.14 21.76 14.93
N PHE A 437 35.29 22.31 14.53
CA PHE A 437 36.57 21.84 15.06
C PHE A 437 36.70 22.17 16.54
N LEU A 438 36.39 23.42 16.91
CA LEU A 438 36.56 23.85 18.29
C LEU A 438 35.55 23.18 19.21
N MET A 439 34.32 22.97 18.74
CA MET A 439 33.28 22.38 19.57
C MET A 439 33.65 20.96 19.99
N VAL A 440 34.40 20.24 19.15
CA VAL A 440 34.77 18.86 19.42
C VAL A 440 36.21 18.78 19.94
N CYS A 441 36.83 19.93 20.25
CA CYS A 441 38.25 19.98 20.55
C CYS A 441 38.58 19.61 21.99
N PHE A 442 37.57 19.32 22.81
CA PHE A 442 37.79 18.98 24.21
C PHE A 442 37.06 17.71 24.62
N ALA A 443 36.85 16.77 23.70
CA ALA A 443 36.05 15.58 23.96
C ALA A 443 36.89 14.31 24.08
N GLY A 444 38.22 14.43 24.12
CA GLY A 444 39.07 13.27 24.18
C GLY A 444 39.40 12.66 22.85
N PHE A 445 38.73 13.08 21.78
CA PHE A 445 39.06 12.59 20.44
C PHE A 445 40.46 13.04 20.05
N ASN A 446 41.08 12.27 19.16
CA ASN A 446 42.38 12.63 18.63
C ASN A 446 42.20 13.62 17.46
N LEU A 447 43.31 13.98 16.83
CA LEU A 447 43.25 14.96 15.74
C LEU A 447 42.43 14.43 14.56
N LYS A 448 42.57 13.14 14.25
CA LYS A 448 41.94 12.61 13.04
C LYS A 448 40.42 12.62 13.13
N GLU A 449 39.86 12.18 14.27
CA GLU A 449 38.41 12.12 14.39
C GLU A 449 37.79 13.51 14.39
N LYS A 450 38.51 14.51 14.90
CA LYS A 450 38.01 15.88 14.85
C LYS A 450 37.83 16.34 13.41
N ILE A 451 38.78 16.00 12.54
CA ILE A 451 38.66 16.34 11.13
C ILE A 451 37.48 15.63 10.50
N PHE A 452 37.29 14.35 10.81
CA PHE A 452 36.18 13.59 10.26
C PHE A 452 34.85 14.18 10.70
N ILE A 453 34.73 14.56 11.98
CA ILE A 453 33.51 15.21 12.46
C ILE A 453 33.37 16.59 11.82
N SER A 454 34.49 17.27 11.61
CA SER A 454 34.43 18.60 10.99
C SER A 454 33.88 18.52 9.58
N PHE A 455 34.26 17.51 8.81
CA PHE A 455 33.84 17.38 7.43
C PHE A 455 32.52 16.64 7.26
N ALA A 456 32.08 15.89 8.25
CA ALA A 456 30.84 15.14 8.15
C ALA A 456 29.63 15.90 8.68
N TRP A 457 29.81 17.14 9.11
CA TRP A 457 28.73 17.95 9.65
C TRP A 457 28.18 18.95 8.62
N LEU A 458 28.63 18.85 7.38
CA LEU A 458 28.30 19.80 6.31
C LEU A 458 26.95 19.56 5.61
N PRO A 459 26.59 18.30 5.22
CA PRO A 459 25.47 18.13 4.28
C PRO A 459 24.17 18.79 4.69
N LYS A 460 23.53 19.47 3.75
CA LYS A 460 22.35 20.29 4.04
C LYS A 460 21.35 20.13 2.92
N ALA A 461 20.44 19.16 3.04
CA ALA A 461 19.53 18.88 1.93
C ALA A 461 18.07 19.07 2.26
N THR A 462 17.58 18.40 3.32
CA THR A 462 16.13 18.31 3.53
C THR A 462 15.57 19.62 4.08
N VAL A 463 16.24 20.20 5.07
CA VAL A 463 15.69 21.35 5.78
C VAL A 463 15.63 22.56 4.87
N GLN A 464 16.67 22.75 4.04
CA GLN A 464 16.68 23.88 3.11
C GLN A 464 15.53 23.78 2.12
N ALA A 465 15.23 22.57 1.65
CA ALA A 465 14.11 22.38 0.73
C ALA A 465 12.78 22.69 1.43
N ALA A 466 12.65 22.29 2.70
CA ALA A 466 11.38 22.43 3.39
C ALA A 466 11.02 23.88 3.67
N ILE A 467 11.99 24.70 4.06
CA ILE A 467 11.74 26.07 4.49
C ILE A 467 12.41 27.10 3.61
N GLY A 468 12.99 26.69 2.48
CA GLY A 468 13.65 27.66 1.62
C GLY A 468 12.68 28.64 0.99
N SER A 469 11.55 28.14 0.49
CA SER A 469 10.60 28.94 -0.26
C SER A 469 9.56 29.63 0.61
N VAL A 470 9.60 29.42 1.94
CA VAL A 470 8.58 30.00 2.81
C VAL A 470 8.71 31.51 2.83
N ALA A 471 9.93 32.03 2.83
CA ALA A 471 10.13 33.49 2.86
C ALA A 471 9.59 34.15 1.61
N LEU A 472 9.91 33.58 0.44
CA LEU A 472 9.43 34.16 -0.82
C LEU A 472 7.92 34.00 -0.95
N ASP A 473 7.39 32.83 -0.57
CA ASP A 473 5.95 32.60 -0.68
C ASP A 473 5.17 33.57 0.19
N THR A 474 5.68 33.86 1.39
CA THR A 474 5.01 34.83 2.26
C THR A 474 5.17 36.25 1.72
N ALA A 475 6.30 36.54 1.06
CA ALA A 475 6.51 37.87 0.50
C ALA A 475 5.49 38.18 -0.58
N ARG A 476 5.21 37.21 -1.46
CA ARG A 476 4.23 37.43 -2.51
C ARG A 476 2.83 37.57 -1.94
N SER A 477 2.53 36.85 -0.85
CA SER A 477 1.21 36.95 -0.25
C SER A 477 0.94 38.37 0.26
N HIS A 478 1.95 39.02 0.84
CA HIS A 478 1.80 40.40 1.29
C HIS A 478 1.84 41.39 0.14
N GLY A 479 2.25 40.97 -1.05
CA GLY A 479 2.25 41.84 -2.22
C GLY A 479 3.19 43.02 -2.13
N GLU A 480 4.33 42.86 -1.47
CA GLU A 480 5.32 43.94 -1.40
C GLU A 480 6.20 43.91 -2.65
N LYS A 481 7.10 44.90 -2.74
CA LYS A 481 7.98 44.98 -3.91
C LYS A 481 9.39 44.50 -3.58
N GLN A 482 10.04 45.13 -2.60
CA GLN A 482 11.45 44.85 -2.35
C GLN A 482 11.68 43.49 -1.69
N LEU A 483 10.67 42.94 -1.02
CA LEU A 483 10.93 41.75 -0.23
C LEU A 483 11.00 40.49 -1.10
N GLU A 484 10.43 40.54 -2.31
CA GLU A 484 10.62 39.43 -3.24
C GLU A 484 12.03 39.40 -3.79
N ASP A 485 12.66 40.57 -3.94
CA ASP A 485 14.06 40.60 -4.32
C ASP A 485 14.92 39.92 -3.26
N TYR A 486 14.62 40.18 -1.98
CA TYR A 486 15.33 39.50 -0.90
C TYR A 486 14.94 38.03 -0.84
N GLY A 487 13.69 37.71 -1.16
CA GLY A 487 13.24 36.33 -1.06
C GLY A 487 13.90 35.40 -2.06
N MET A 488 14.12 35.89 -3.29
CA MET A 488 14.75 35.07 -4.31
C MET A 488 16.18 34.71 -3.93
N ASP A 489 16.91 35.66 -3.35
CA ASP A 489 18.29 35.40 -2.96
C ASP A 489 18.36 34.35 -1.86
N VAL A 490 17.40 34.37 -0.93
CA VAL A 490 17.33 33.33 0.08
C VAL A 490 17.11 31.97 -0.57
N LEU A 491 16.27 31.94 -1.61
CA LEU A 491 16.02 30.69 -2.32
C LEU A 491 17.27 30.20 -3.03
N THR A 492 18.03 31.12 -3.64
CA THR A 492 19.26 30.74 -4.32
C THR A 492 20.28 30.14 -3.35
N VAL A 493 20.44 30.77 -2.18
CA VAL A 493 21.34 30.24 -1.18
C VAL A 493 20.81 28.94 -0.60
N ALA A 494 19.50 28.83 -0.42
CA ALA A 494 18.93 27.59 0.11
C ALA A 494 19.09 26.44 -0.88
N PHE A 495 19.12 26.74 -2.17
CA PHE A 495 19.19 25.70 -3.19
C PHE A 495 20.63 25.41 -3.60
N LEU A 496 21.47 26.45 -3.70
CA LEU A 496 22.88 26.22 -3.99
C LEU A 496 23.55 25.45 -2.85
N SER A 497 23.06 25.62 -1.63
CA SER A 497 23.62 24.89 -0.49
C SER A 497 23.44 23.38 -0.67
N ILE A 498 22.29 22.96 -1.17
CA ILE A 498 22.03 21.54 -1.37
C ILE A 498 22.93 20.97 -2.46
N LEU A 499 23.13 21.72 -3.55
CA LEU A 499 23.81 21.17 -4.71
C LEU A 499 25.31 21.00 -4.46
N ILE A 500 25.93 21.88 -3.68
CA ILE A 500 27.38 21.85 -3.58
C ILE A 500 27.87 21.27 -2.26
N THR A 501 27.01 21.14 -1.25
CA THR A 501 27.42 20.58 0.04
C THR A 501 27.02 19.12 0.20
N ALA A 502 25.77 18.78 -0.10
CA ALA A 502 25.31 17.41 0.10
C ALA A 502 26.05 16.40 -0.78
N PRO A 503 26.22 16.60 -2.10
CA PRO A 503 27.03 15.64 -2.86
C PRO A 503 28.45 15.50 -2.36
N ILE A 504 29.08 16.60 -1.94
CA ILE A 504 30.46 16.50 -1.45
C ILE A 504 30.48 16.04 0.01
N GLY A 505 29.42 16.29 0.77
CA GLY A 505 29.36 15.79 2.12
C GLY A 505 29.31 14.27 2.19
N SER A 506 28.52 13.67 1.29
CA SER A 506 28.43 12.22 1.26
C SER A 506 29.75 11.58 0.85
N LEU A 507 30.48 12.22 -0.07
CA LEU A 507 31.76 11.69 -0.50
C LEU A 507 32.77 11.68 0.64
N LEU A 508 32.80 12.75 1.44
CA LEU A 508 33.79 12.85 2.51
C LEU A 508 33.51 11.86 3.64
N ILE A 509 32.23 11.67 3.96
CA ILE A 509 31.88 10.72 5.01
C ILE A 509 32.29 9.31 4.61
N GLY A 510 31.94 8.91 3.38
CA GLY A 510 32.27 7.56 2.93
C GLY A 510 33.76 7.33 2.77
N LEU A 511 34.46 8.30 2.18
CA LEU A 511 35.86 8.09 1.82
C LEU A 511 36.78 8.27 3.03
N LEU A 512 36.71 9.44 3.68
CA LEU A 512 37.61 9.72 4.80
C LEU A 512 37.32 8.82 6.00
N GLY A 513 36.16 8.18 6.02
CA GLY A 513 35.76 7.33 7.12
C GLY A 513 36.78 6.28 7.51
N PRO A 514 37.01 5.31 6.61
CA PRO A 514 37.93 4.21 6.96
C PRO A 514 39.34 4.67 7.31
N ARG A 515 39.85 5.72 6.67
CA ARG A 515 41.23 6.13 6.89
C ARG A 515 41.41 6.76 8.27
N LEU A 516 40.50 7.66 8.66
CA LEU A 516 40.65 8.42 9.89
C LEU A 516 40.20 7.66 11.12
N LEU A 517 38.98 7.12 11.08
CA LEU A 517 38.44 6.41 12.24
C LEU A 517 39.20 5.11 12.49
N GLN A 518 39.18 4.67 13.74
CA GLN A 518 39.88 3.47 14.17
C GLN A 518 38.92 2.27 14.08
N LYS A 519 39.11 1.46 13.04
CA LYS A 519 38.27 0.27 12.88
C LYS A 519 38.48 -0.69 14.05
N VAL A 520 37.37 -1.25 14.54
CA VAL A 520 37.43 -2.14 15.69
C VAL A 520 38.15 -3.42 15.31
N GLU A 521 39.09 -3.85 16.15
CA GLU A 521 39.86 -5.06 15.93
C GLU A 521 38.96 -6.29 15.88
N PRO B 79 6.64 -7.43 34.29
CA PRO B 79 6.09 -6.96 33.02
C PRO B 79 4.72 -7.53 32.71
N PRO B 80 3.80 -6.70 32.22
CA PRO B 80 2.47 -7.20 31.85
C PRO B 80 2.57 -8.26 30.77
N HIS B 81 1.73 -9.28 30.91
CA HIS B 81 1.81 -10.46 30.06
C HIS B 81 0.49 -11.23 30.14
N GLY B 82 0.38 -12.27 29.33
CA GLY B 82 -0.82 -13.09 29.33
C GLY B 82 -1.92 -12.46 28.49
N LEU B 83 -3.17 -12.70 28.90
CA LEU B 83 -4.31 -12.17 28.15
C LEU B 83 -4.39 -10.66 28.20
N LEU B 84 -3.91 -10.03 29.29
CA LEU B 84 -3.92 -8.58 29.37
C LEU B 84 -3.01 -7.97 28.32
N ASP B 85 -1.87 -8.62 28.06
CA ASP B 85 -0.89 -8.07 27.12
C ASP B 85 -1.42 -8.14 25.69
N ARG B 86 -2.09 -9.24 25.33
CA ARG B 86 -2.50 -9.45 23.94
C ARG B 86 -3.66 -8.52 23.56
N VAL B 87 -4.60 -8.30 24.48
CA VAL B 87 -5.77 -7.49 24.17
C VAL B 87 -5.35 -6.03 23.92
N ILE B 88 -4.44 -5.51 24.74
CA ILE B 88 -4.07 -4.11 24.62
C ILE B 88 -3.18 -3.89 23.40
N THR B 89 -2.50 -4.94 22.95
CA THR B 89 -1.66 -4.80 21.75
C THR B 89 -2.52 -4.61 20.51
N ASN B 90 -3.57 -5.42 20.37
CA ASN B 90 -4.49 -5.27 19.24
C ASN B 90 -5.28 -3.97 19.30
N VAL B 91 -5.75 -3.57 20.49
CA VAL B 91 -6.56 -2.35 20.62
C VAL B 91 -5.80 -1.15 20.09
N THR B 92 -4.51 -1.04 20.41
CA THR B 92 -3.73 0.08 19.91
C THR B 92 -3.60 0.01 18.39
N ILE B 93 -3.38 -1.19 17.85
CA ILE B 93 -3.17 -1.34 16.41
C ILE B 93 -4.41 -0.87 15.63
N ILE B 94 -5.60 -1.23 16.11
CA ILE B 94 -6.82 -0.76 15.46
C ILE B 94 -6.90 0.76 15.47
N VAL B 95 -6.64 1.36 16.63
CA VAL B 95 -6.69 2.81 16.73
C VAL B 95 -5.53 3.44 15.98
N LEU B 96 -4.35 2.82 16.03
CA LEU B 96 -3.20 3.36 15.32
C LEU B 96 -3.42 3.32 13.81
N LEU B 97 -4.00 2.23 13.30
CA LEU B 97 -4.18 2.11 11.86
C LEU B 97 -5.15 3.17 11.35
N TRP B 98 -6.14 3.53 12.15
CA TRP B 98 -6.99 4.66 11.79
C TRP B 98 -6.23 5.97 11.93
N ALA B 99 -5.49 6.13 13.04
CA ALA B 99 -4.80 7.39 13.30
C ALA B 99 -3.74 7.68 12.24
N VAL B 100 -2.95 6.67 11.88
CA VAL B 100 -1.91 6.87 10.87
C VAL B 100 -2.52 7.30 9.55
N VAL B 101 -3.59 6.63 9.12
CA VAL B 101 -4.26 7.01 7.88
C VAL B 101 -4.89 8.39 8.01
N TRP B 102 -5.45 8.70 9.18
CA TRP B 102 -6.13 9.98 9.36
C TRP B 102 -5.16 11.14 9.21
N SER B 103 -3.98 11.05 9.82
CA SER B 103 -3.04 12.16 9.82
C SER B 103 -2.56 12.46 8.41
N ILE B 104 -2.26 11.42 7.64
CA ILE B 104 -1.77 11.63 6.27
C ILE B 104 -2.89 12.16 5.39
N THR B 105 -4.09 11.58 5.48
CA THR B 105 -5.16 11.88 4.55
C THR B 105 -6.09 13.00 5.03
N GLY B 106 -6.29 13.15 6.33
CA GLY B 106 -7.10 14.25 6.81
C GLY B 106 -8.55 13.86 7.02
N SER B 107 -9.46 14.64 6.43
CA SER B 107 -10.89 14.47 6.69
C SER B 107 -11.51 13.29 5.96
N GLU B 108 -10.79 12.67 5.02
CA GLU B 108 -11.33 11.49 4.35
C GLU B 108 -11.42 10.31 5.31
N CYS B 109 -10.60 10.29 6.35
CA CYS B 109 -10.58 9.20 7.32
C CYS B 109 -11.36 9.55 8.60
N LEU B 110 -12.37 10.40 8.48
CA LEU B 110 -13.23 10.79 9.58
C LEU B 110 -14.67 10.37 9.27
N PRO B 111 -15.56 10.41 10.26
CA PRO B 111 -16.97 10.08 10.01
C PRO B 111 -17.53 10.76 8.77
N GLY B 112 -18.07 9.95 7.86
CA GLY B 112 -18.57 10.46 6.60
C GLY B 112 -17.56 10.47 5.48
N GLY B 113 -16.46 9.74 5.62
CA GLY B 113 -15.41 9.75 4.61
C GLY B 113 -15.25 8.39 3.98
N ASN B 114 -14.68 8.40 2.77
CA ASN B 114 -14.52 7.17 2.00
C ASN B 114 -13.60 6.20 2.71
N LEU B 115 -12.46 6.68 3.22
CA LEU B 115 -11.51 5.79 3.86
C LEU B 115 -12.01 5.31 5.22
N PHE B 116 -12.78 6.15 5.93
CA PHE B 116 -13.36 5.69 7.19
C PHE B 116 -14.30 4.51 6.98
N GLY B 117 -15.08 4.55 5.91
CA GLY B 117 -15.96 3.42 5.61
C GLY B 117 -15.20 2.12 5.45
N ILE B 118 -14.03 2.18 4.81
CA ILE B 118 -13.28 0.96 4.54
C ILE B 118 -12.70 0.37 5.83
N ILE B 119 -12.14 1.22 6.70
CA ILE B 119 -11.41 0.72 7.86
C ILE B 119 -12.35 -0.01 8.81
N ILE B 120 -13.48 0.60 9.16
CA ILE B 120 -14.34 -0.02 10.17
C ILE B 120 -15.20 -1.12 9.56
N LEU B 121 -15.48 -1.04 8.26
CA LEU B 121 -16.08 -2.20 7.58
C LEU B 121 -15.13 -3.39 7.62
N PHE B 122 -13.83 -3.14 7.48
CA PHE B 122 -12.83 -4.17 7.68
C PHE B 122 -12.88 -4.72 9.09
N TYR B 123 -12.94 -3.82 10.09
CA TYR B 123 -12.89 -4.27 11.48
C TYR B 123 -14.23 -4.85 11.93
N CYS B 124 -15.35 -4.27 11.49
CA CYS B 124 -16.64 -4.83 11.84
C CYS B 124 -16.82 -6.23 11.27
N ALA B 125 -16.38 -6.42 10.02
CA ALA B 125 -16.46 -7.74 9.41
C ALA B 125 -15.57 -8.75 10.13
N ILE B 126 -14.36 -8.33 10.51
CA ILE B 126 -13.46 -9.22 11.24
C ILE B 126 -14.05 -9.58 12.59
N ILE B 127 -14.51 -8.57 13.33
CA ILE B 127 -15.12 -8.83 14.64
C ILE B 127 -16.39 -9.64 14.48
N GLY B 128 -17.22 -9.29 13.49
CA GLY B 128 -18.43 -10.07 13.24
C GLY B 128 -18.14 -11.52 12.92
N GLY B 129 -17.06 -11.78 12.18
CA GLY B 129 -16.69 -13.14 11.86
C GLY B 129 -16.28 -13.93 13.09
N LYS B 130 -15.51 -13.29 13.98
CA LYS B 130 -15.02 -13.98 15.17
C LYS B 130 -16.16 -14.34 16.11
N LEU B 131 -17.12 -13.43 16.29
CA LEU B 131 -18.17 -13.63 17.28
C LEU B 131 -19.04 -14.82 16.93
N LEU B 132 -19.53 -14.88 15.69
CA LEU B 132 -20.50 -15.91 15.31
C LEU B 132 -19.88 -17.30 15.36
N GLY B 133 -18.70 -17.46 14.75
CA GLY B 133 -18.08 -18.77 14.64
C GLY B 133 -17.45 -19.28 15.92
N LEU B 134 -17.00 -18.39 16.80
CA LEU B 134 -16.21 -18.82 17.94
C LEU B 134 -16.90 -18.53 19.28
N ILE B 135 -17.31 -17.28 19.50
CA ILE B 135 -17.70 -16.85 20.83
C ILE B 135 -19.21 -17.01 21.03
N LYS B 136 -20.00 -16.61 20.04
CA LYS B 136 -21.45 -16.53 20.25
C LYS B 136 -22.12 -17.90 20.12
N LEU B 137 -21.99 -18.53 18.95
CA LEU B 137 -22.75 -19.76 18.71
C LEU B 137 -21.88 -20.87 18.14
N PRO B 138 -21.03 -21.50 18.95
CA PRO B 138 -20.27 -22.65 18.45
C PRO B 138 -20.91 -23.99 18.81
N THR B 139 -22.04 -23.95 19.54
CA THR B 139 -22.65 -25.20 20.01
C THR B 139 -23.25 -26.00 18.84
N LEU B 140 -23.86 -25.32 17.88
CA LEU B 140 -24.27 -25.95 16.63
C LEU B 140 -23.01 -26.23 15.81
N PRO B 141 -23.12 -27.03 14.76
CA PRO B 141 -21.97 -27.21 13.85
C PRO B 141 -21.35 -25.88 13.51
N PRO B 142 -20.02 -25.75 13.64
CA PRO B 142 -19.40 -24.42 13.67
C PRO B 142 -19.78 -23.52 12.51
N LEU B 143 -20.52 -22.46 12.84
CA LEU B 143 -21.01 -21.56 11.80
C LEU B 143 -19.83 -20.85 11.15
N PRO B 144 -19.76 -20.84 9.82
CA PRO B 144 -18.59 -20.27 9.15
C PRO B 144 -18.56 -18.75 9.24
N SER B 145 -17.35 -18.22 9.08
CA SER B 145 -17.16 -16.77 9.17
C SER B 145 -17.81 -16.01 8.01
N LEU B 146 -18.25 -16.73 6.97
CA LEU B 146 -18.93 -16.07 5.86
C LEU B 146 -20.21 -15.39 6.33
N LEU B 147 -20.99 -16.07 7.17
CA LEU B 147 -22.23 -15.50 7.66
C LEU B 147 -21.96 -14.28 8.53
N GLY B 148 -20.94 -14.35 9.38
CA GLY B 148 -20.64 -13.23 10.26
C GLY B 148 -20.27 -11.97 9.50
N MET B 149 -19.38 -12.10 8.52
CA MET B 149 -19.00 -10.94 7.71
C MET B 149 -20.18 -10.44 6.89
N LEU B 150 -20.99 -11.35 6.37
CA LEU B 150 -22.12 -10.95 5.54
C LEU B 150 -23.16 -10.19 6.37
N LEU B 151 -23.35 -10.60 7.63
CA LEU B 151 -24.30 -9.90 8.48
C LEU B 151 -23.76 -8.55 8.94
N ALA B 152 -22.45 -8.46 9.17
CA ALA B 152 -21.86 -7.19 9.61
C ALA B 152 -22.07 -6.09 8.58
N GLY B 153 -21.85 -6.42 7.30
CA GLY B 153 -22.16 -5.45 6.25
C GLY B 153 -23.64 -5.16 6.15
N PHE B 154 -24.48 -6.18 6.40
CA PHE B 154 -25.93 -5.98 6.36
C PHE B 154 -26.38 -4.97 7.40
N LEU B 155 -25.88 -5.09 8.63
CA LEU B 155 -26.28 -4.17 9.69
C LEU B 155 -25.76 -2.76 9.42
N ILE B 156 -24.53 -2.64 8.93
CA ILE B 156 -23.95 -1.33 8.68
C ILE B 156 -24.73 -0.59 7.61
N ARG B 157 -25.20 -1.31 6.59
CA ARG B 157 -25.91 -0.67 5.48
C ARG B 157 -27.27 -0.13 5.91
N ASN B 158 -27.99 -0.89 6.74
CA ASN B 158 -29.40 -0.62 6.96
C ASN B 158 -29.68 0.35 8.09
N ILE B 159 -28.96 0.26 9.20
CA ILE B 159 -29.23 1.20 10.30
C ILE B 159 -28.83 2.60 9.88
N PRO B 160 -29.74 3.58 9.91
CA PRO B 160 -29.41 4.90 9.37
C PRO B 160 -28.39 5.66 10.19
N VAL B 161 -28.34 5.45 11.51
CA VAL B 161 -27.40 6.19 12.35
C VAL B 161 -25.97 5.74 12.07
N ILE B 162 -25.78 4.47 11.71
CA ILE B 162 -24.45 3.96 11.41
C ILE B 162 -24.19 3.89 9.91
N ASN B 163 -25.16 4.25 9.07
CA ASN B 163 -24.97 4.25 7.63
C ASN B 163 -24.46 5.60 7.13
N ASP B 164 -25.04 6.69 7.61
CA ASP B 164 -24.61 8.01 7.17
C ASP B 164 -23.16 8.29 7.54
N ASN B 165 -22.64 7.60 8.55
CA ASN B 165 -21.25 7.74 8.97
C ASN B 165 -20.32 6.76 8.27
N VAL B 166 -20.86 5.83 7.48
CA VAL B 166 -20.08 4.81 6.80
C VAL B 166 -20.53 4.78 5.35
N GLN B 167 -19.74 5.35 4.45
CA GLN B 167 -20.16 5.48 3.05
C GLN B 167 -18.94 5.29 2.16
N ILE B 168 -18.83 4.07 1.62
CA ILE B 168 -17.79 3.80 0.61
C ILE B 168 -18.33 4.11 -0.78
N LYS B 169 -17.48 4.69 -1.61
CA LYS B 169 -17.83 5.01 -2.97
C LYS B 169 -17.87 3.75 -3.83
N HIS B 170 -18.64 3.82 -4.91
CA HIS B 170 -18.85 2.62 -5.74
C HIS B 170 -17.57 2.23 -6.46
N LYS B 171 -16.75 3.21 -6.84
CA LYS B 171 -15.51 2.89 -7.56
C LYS B 171 -14.54 2.13 -6.67
N TRP B 172 -14.45 2.51 -5.40
CA TRP B 172 -13.63 1.76 -4.45
C TRP B 172 -14.27 0.43 -4.10
N SER B 173 -15.61 0.35 -4.12
CA SER B 173 -16.28 -0.89 -3.81
C SER B 173 -16.00 -1.96 -4.85
N SER B 174 -16.16 -1.61 -6.13
CA SER B 174 -15.92 -2.56 -7.20
C SER B 174 -14.45 -2.97 -7.27
N SER B 175 -13.55 -2.01 -7.08
CA SER B 175 -12.12 -2.29 -7.20
C SER B 175 -11.65 -3.28 -6.14
N LEU B 176 -12.11 -3.11 -4.90
CA LEU B 176 -11.68 -4.02 -3.84
C LEU B 176 -12.25 -5.42 -4.04
N ARG B 177 -13.49 -5.50 -4.54
CA ARG B 177 -14.06 -6.82 -4.82
C ARG B 177 -13.37 -7.49 -6.00
N SER B 178 -12.96 -6.70 -7.00
CA SER B 178 -12.28 -7.28 -8.15
C SER B 178 -10.90 -7.80 -7.77
N ILE B 179 -10.22 -7.12 -6.84
CA ILE B 179 -8.93 -7.62 -6.36
C ILE B 179 -9.11 -8.90 -5.58
N ALA B 180 -10.20 -8.99 -4.81
CA ALA B 180 -10.51 -10.25 -4.12
C ALA B 180 -10.79 -11.36 -5.11
N LEU B 181 -11.48 -11.04 -6.20
CA LEU B 181 -11.71 -12.03 -7.25
C LEU B 181 -10.41 -12.43 -7.92
N SER B 182 -9.48 -11.48 -8.10
CA SER B 182 -8.21 -11.79 -8.74
C SER B 182 -7.38 -12.73 -7.88
N ILE B 183 -7.40 -12.54 -6.57
CA ILE B 183 -6.58 -13.36 -5.68
C ILE B 183 -7.10 -14.78 -5.61
N ILE B 184 -8.43 -14.94 -5.55
CA ILE B 184 -9.00 -16.27 -5.35
C ILE B 184 -8.77 -17.16 -6.58
N LEU B 185 -8.80 -16.55 -7.77
CA LEU B 185 -8.54 -17.33 -8.99
C LEU B 185 -7.08 -17.74 -9.07
N VAL B 186 -6.16 -16.91 -8.58
CA VAL B 186 -4.75 -17.29 -8.56
C VAL B 186 -4.54 -18.50 -7.67
N ARG B 187 -5.18 -18.51 -6.50
CA ARG B 187 -5.11 -19.67 -5.62
C ARG B 187 -5.74 -20.89 -6.28
N ALA B 188 -6.87 -20.70 -6.98
CA ALA B 188 -7.50 -21.80 -7.69
C ALA B 188 -6.60 -22.31 -8.82
N GLY B 189 -5.95 -21.41 -9.56
CA GLY B 189 -5.11 -21.83 -10.66
C GLY B 189 -3.87 -22.57 -10.20
N LEU B 190 -3.27 -22.14 -9.10
CA LEU B 190 -2.07 -22.77 -8.57
C LEU B 190 -2.36 -24.02 -7.76
N GLY B 191 -3.57 -24.56 -7.82
CA GLY B 191 -3.93 -25.74 -7.09
C GLY B 191 -4.39 -26.89 -7.96
N LEU B 192 -4.80 -26.57 -9.19
CA LEU B 192 -5.28 -27.59 -10.12
C LEU B 192 -4.18 -28.59 -10.43
N ASP B 193 -4.55 -29.88 -10.40
CA ASP B 193 -3.64 -30.97 -10.70
C ASP B 193 -3.71 -31.28 -12.19
N SER B 194 -2.57 -31.19 -12.86
CA SER B 194 -2.54 -31.35 -14.31
C SER B 194 -3.00 -32.75 -14.72
N LYS B 195 -2.51 -33.78 -14.04
CA LYS B 195 -2.92 -35.14 -14.36
C LYS B 195 -4.39 -35.36 -14.07
N ALA B 196 -4.89 -34.81 -12.95
CA ALA B 196 -6.30 -34.98 -12.61
C ALA B 196 -7.20 -34.26 -13.59
N LEU B 197 -6.81 -33.06 -14.03
CA LEU B 197 -7.62 -32.33 -15.00
C LEU B 197 -7.62 -33.03 -16.35
N LYS B 198 -6.59 -33.83 -16.63
CA LYS B 198 -6.51 -34.52 -17.91
C LYS B 198 -7.62 -35.56 -18.06
N LYS B 199 -7.79 -36.43 -17.07
CA LYS B 199 -8.81 -37.46 -17.15
C LYS B 199 -10.18 -36.96 -16.70
N LEU B 200 -10.30 -35.69 -16.31
CA LEU B 200 -11.58 -35.07 -16.01
C LEU B 200 -11.68 -33.80 -16.85
N LYS B 201 -12.18 -33.94 -18.08
CA LYS B 201 -12.44 -32.82 -18.95
C LYS B 201 -13.89 -32.74 -19.41
N GLY B 202 -14.47 -33.87 -19.82
CA GLY B 202 -15.90 -33.89 -20.11
C GLY B 202 -16.73 -33.58 -18.89
N VAL B 203 -16.32 -34.08 -17.73
CA VAL B 203 -17.06 -33.83 -16.50
C VAL B 203 -16.99 -32.37 -16.10
N CYS B 204 -15.80 -31.75 -16.23
CA CYS B 204 -15.67 -30.34 -15.93
C CYS B 204 -16.57 -29.49 -16.81
N VAL B 205 -16.69 -29.86 -18.09
CA VAL B 205 -17.56 -29.11 -19.00
C VAL B 205 -19.02 -29.35 -18.66
N ARG B 206 -19.38 -30.60 -18.33
CA ARG B 206 -20.78 -30.90 -18.07
C ARG B 206 -21.32 -30.15 -16.86
N LEU B 207 -20.64 -30.25 -15.72
CA LEU B 207 -21.20 -29.69 -14.50
C LEU B 207 -21.04 -28.18 -14.45
N SER B 208 -20.19 -27.62 -15.32
CA SER B 208 -20.10 -26.17 -15.43
C SER B 208 -21.29 -25.60 -16.18
N MET B 209 -21.71 -26.25 -17.28
CA MET B 209 -22.81 -25.76 -18.09
C MET B 209 -24.08 -26.58 -17.95
N GLY B 210 -24.07 -27.68 -17.20
CA GLY B 210 -25.23 -28.53 -17.11
C GLY B 210 -26.23 -28.04 -16.08
N PRO B 211 -25.81 -28.00 -14.81
CA PRO B 211 -26.71 -27.46 -13.78
C PRO B 211 -27.14 -26.02 -14.02
N CYS B 212 -26.26 -25.20 -14.59
CA CYS B 212 -26.59 -23.79 -14.78
C CYS B 212 -27.73 -23.60 -15.77
N ILE B 213 -27.71 -24.33 -16.89
CA ILE B 213 -28.76 -24.18 -17.90
C ILE B 213 -30.09 -24.72 -17.36
N VAL B 214 -30.06 -25.90 -16.73
CA VAL B 214 -31.30 -26.46 -16.20
C VAL B 214 -31.84 -25.61 -15.07
N GLU B 215 -30.96 -25.05 -14.24
CA GLU B 215 -31.41 -24.15 -13.18
C GLU B 215 -32.00 -22.88 -13.78
N ALA B 216 -31.42 -22.38 -14.86
CA ALA B 216 -31.96 -21.20 -15.53
C ALA B 216 -33.36 -21.47 -16.06
N CYS B 217 -33.57 -22.64 -16.66
CA CYS B 217 -34.89 -22.98 -17.20
C CYS B 217 -35.89 -23.22 -16.08
N THR B 218 -35.53 -24.04 -15.09
CA THR B 218 -36.46 -24.40 -14.04
C THR B 218 -36.86 -23.18 -13.20
N SER B 219 -35.89 -22.30 -12.91
CA SER B 219 -36.21 -21.07 -12.20
C SER B 219 -37.10 -20.18 -13.04
N ALA B 220 -36.86 -20.13 -14.35
CA ALA B 220 -37.71 -19.33 -15.23
C ALA B 220 -39.10 -19.93 -15.37
N LEU B 221 -39.22 -21.25 -15.25
CA LEU B 221 -40.54 -21.87 -15.22
C LEU B 221 -41.31 -21.44 -13.97
N LEU B 222 -40.63 -21.40 -12.82
CA LEU B 222 -41.28 -20.98 -11.58
C LEU B 222 -41.53 -19.48 -11.56
N ALA B 223 -40.60 -18.69 -12.11
CA ALA B 223 -40.75 -17.24 -12.09
C ALA B 223 -41.98 -16.80 -12.86
N HIS B 224 -42.36 -17.55 -13.89
CA HIS B 224 -43.55 -17.21 -14.68
C HIS B 224 -44.85 -17.55 -13.96
N TYR B 225 -44.79 -18.40 -12.92
CA TYR B 225 -46.01 -18.83 -12.22
C TYR B 225 -46.02 -18.33 -10.79
N LEU B 226 -44.97 -18.60 -9.99
CA LEU B 226 -44.98 -18.18 -8.60
C LEU B 226 -44.81 -16.67 -8.46
N LEU B 227 -43.96 -16.07 -9.29
CA LEU B 227 -43.76 -14.63 -9.28
C LEU B 227 -44.60 -13.88 -10.30
N GLY B 228 -44.98 -14.52 -11.40
CA GLY B 228 -45.77 -13.87 -12.43
C GLY B 228 -44.99 -13.06 -13.42
N LEU B 229 -43.66 -13.07 -13.35
CA LEU B 229 -42.85 -12.32 -14.31
C LEU B 229 -42.98 -12.96 -15.69
N PRO B 230 -42.92 -12.17 -16.76
CA PRO B 230 -42.96 -12.73 -18.10
C PRO B 230 -41.68 -13.49 -18.43
N TRP B 231 -41.68 -14.11 -19.61
CA TRP B 231 -40.62 -15.04 -19.96
C TRP B 231 -39.27 -14.33 -20.05
N GLN B 232 -39.24 -13.13 -20.64
CA GLN B 232 -37.98 -12.40 -20.76
C GLN B 232 -37.37 -12.10 -19.40
N TRP B 233 -38.20 -11.64 -18.45
CA TRP B 233 -37.71 -11.37 -17.11
C TRP B 233 -37.56 -12.65 -16.30
N GLY B 234 -38.19 -13.74 -16.75
CA GLY B 234 -37.95 -15.03 -16.12
C GLY B 234 -36.55 -15.55 -16.36
N PHE B 235 -35.99 -15.29 -17.54
CA PHE B 235 -34.71 -15.89 -17.90
C PHE B 235 -33.53 -15.10 -17.34
N ILE B 236 -33.67 -13.78 -17.20
CA ILE B 236 -32.63 -13.01 -16.52
C ILE B 236 -32.64 -13.36 -15.03
N LEU B 237 -33.81 -13.68 -14.49
CA LEU B 237 -33.88 -14.21 -13.14
C LEU B 237 -33.19 -15.57 -13.05
N GLY B 238 -33.36 -16.41 -14.07
CA GLY B 238 -32.70 -17.69 -14.06
C GLY B 238 -31.19 -17.59 -14.11
N PHE B 239 -30.67 -16.74 -15.01
CA PHE B 239 -29.22 -16.65 -15.19
C PHE B 239 -28.55 -15.94 -14.01
N VAL B 240 -29.21 -14.93 -13.44
CA VAL B 240 -28.64 -14.27 -12.26
C VAL B 240 -28.62 -15.23 -11.08
N LEU B 241 -29.53 -16.20 -11.07
CA LEU B 241 -29.59 -17.20 -10.01
C LEU B 241 -28.77 -18.46 -10.33
N GLY B 242 -28.15 -18.52 -11.51
CA GLY B 242 -27.53 -19.76 -11.93
C GLY B 242 -26.08 -19.89 -11.48
N ALA B 243 -25.30 -18.82 -11.64
CA ALA B 243 -23.85 -18.92 -11.53
C ALA B 243 -23.40 -19.24 -10.11
N VAL B 244 -22.54 -20.24 -9.98
CA VAL B 244 -21.95 -20.59 -8.69
C VAL B 244 -20.86 -19.56 -8.38
N SER B 245 -20.42 -19.53 -7.12
CA SER B 245 -19.41 -18.57 -6.70
C SER B 245 -18.10 -19.27 -6.34
N PRO B 246 -16.98 -18.88 -6.95
CA PRO B 246 -15.69 -19.49 -6.60
C PRO B 246 -15.03 -18.90 -5.36
N ALA B 247 -15.63 -17.89 -4.74
CA ALA B 247 -15.10 -17.34 -3.49
C ALA B 247 -15.52 -18.12 -2.25
N VAL B 248 -16.46 -19.05 -2.40
CA VAL B 248 -16.91 -19.88 -1.29
C VAL B 248 -16.37 -21.29 -1.49
N VAL B 249 -16.34 -21.74 -2.74
CA VAL B 249 -15.92 -23.10 -3.02
C VAL B 249 -14.40 -23.24 -2.92
N VAL B 250 -13.67 -22.38 -3.63
CA VAL B 250 -12.21 -22.53 -3.71
C VAL B 250 -11.54 -22.45 -2.34
N PRO B 251 -11.85 -21.48 -1.47
CA PRO B 251 -11.22 -21.50 -0.14
C PRO B 251 -11.51 -22.77 0.64
N SER B 252 -12.70 -23.34 0.47
CA SER B 252 -13.08 -24.53 1.22
C SER B 252 -12.37 -25.77 0.68
N MET B 253 -12.30 -25.91 -0.65
CA MET B 253 -11.73 -27.12 -1.22
C MET B 253 -10.20 -27.13 -1.16
N LEU B 254 -9.58 -25.95 -1.02
CA LEU B 254 -8.13 -25.92 -0.87
C LEU B 254 -7.70 -26.50 0.45
N LEU B 255 -8.52 -26.34 1.49
CA LEU B 255 -8.23 -26.98 2.77
C LEU B 255 -8.33 -28.50 2.66
N LEU B 256 -9.33 -28.99 1.93
CA LEU B 256 -9.44 -30.43 1.70
C LEU B 256 -8.24 -30.95 0.91
N GLN B 257 -7.79 -30.19 -0.09
CA GLN B 257 -6.60 -30.58 -0.82
C GLN B 257 -5.35 -30.55 0.06
N GLY B 258 -5.30 -29.62 1.02
CA GLY B 258 -4.18 -29.59 1.94
C GLY B 258 -4.08 -30.85 2.77
N GLY B 259 -5.22 -31.38 3.20
CA GLY B 259 -5.28 -32.65 3.90
C GLY B 259 -5.35 -33.87 3.01
N GLY B 260 -5.42 -33.67 1.69
CA GLY B 260 -5.50 -34.78 0.76
C GLY B 260 -6.75 -35.61 0.97
N TYR B 261 -7.90 -34.95 1.12
CA TYR B 261 -9.11 -35.68 1.46
C TYR B 261 -9.74 -36.33 0.24
N GLY B 262 -9.46 -35.82 -0.95
CA GLY B 262 -10.07 -36.38 -2.15
C GLY B 262 -9.19 -36.36 -3.40
N VAL B 263 -7.89 -36.17 -3.23
CA VAL B 263 -7.01 -36.00 -4.38
C VAL B 263 -6.69 -37.32 -5.09
N GLU B 264 -7.18 -38.46 -4.59
CA GLU B 264 -6.93 -39.72 -5.27
C GLU B 264 -7.60 -39.74 -6.65
N LYS B 265 -8.83 -39.23 -6.74
CA LYS B 265 -9.58 -39.26 -7.98
C LYS B 265 -9.84 -37.88 -8.57
N GLY B 266 -9.58 -36.81 -7.82
CA GLY B 266 -9.59 -35.47 -8.39
C GLY B 266 -10.80 -34.62 -8.10
N VAL B 267 -11.53 -34.89 -7.01
CA VAL B 267 -12.68 -34.06 -6.66
C VAL B 267 -12.30 -32.61 -6.39
N PRO B 268 -11.25 -32.30 -5.61
CA PRO B 268 -10.91 -30.87 -5.39
C PRO B 268 -10.58 -30.12 -6.67
N THR B 269 -9.91 -30.76 -7.63
CA THR B 269 -9.60 -30.08 -8.88
C THR B 269 -10.83 -29.98 -9.77
N LEU B 270 -11.77 -30.91 -9.61
CA LEU B 270 -13.01 -30.87 -10.37
C LEU B 270 -13.82 -29.61 -10.05
N LEU B 271 -13.91 -29.26 -8.78
CA LEU B 271 -14.77 -28.17 -8.35
C LEU B 271 -14.09 -26.81 -8.39
N MET B 272 -12.79 -26.74 -8.65
CA MET B 272 -12.10 -25.47 -8.78
C MET B 272 -11.88 -25.04 -10.22
N ALA B 273 -11.84 -25.98 -11.16
CA ALA B 273 -11.67 -25.66 -12.57
C ALA B 273 -12.97 -25.35 -13.29
N ALA B 274 -14.10 -25.87 -12.79
CA ALA B 274 -15.37 -25.68 -13.48
C ALA B 274 -15.96 -24.30 -13.22
N GLY B 275 -15.43 -23.56 -12.25
CA GLY B 275 -15.99 -22.26 -11.92
C GLY B 275 -15.75 -21.22 -12.99
N SER B 276 -14.98 -21.54 -14.02
CA SER B 276 -14.62 -20.55 -15.02
C SER B 276 -15.75 -20.33 -16.03
N PHE B 277 -16.20 -21.39 -16.69
CA PHE B 277 -17.14 -21.27 -17.81
C PHE B 277 -18.57 -20.99 -17.39
N ASP B 278 -18.93 -21.21 -16.14
CA ASP B 278 -20.32 -20.97 -15.73
C ASP B 278 -20.61 -19.48 -15.63
N ASP B 279 -19.60 -18.68 -15.30
CA ASP B 279 -19.79 -17.23 -15.25
C ASP B 279 -19.83 -16.63 -16.64
N ILE B 280 -19.06 -17.19 -17.57
CA ILE B 280 -19.14 -16.76 -18.96
C ILE B 280 -20.52 -17.02 -19.53
N LEU B 281 -21.10 -18.19 -19.22
CA LEU B 281 -22.43 -18.52 -19.69
C LEU B 281 -23.49 -17.67 -19.00
N ALA B 282 -23.35 -17.45 -17.69
CA ALA B 282 -24.35 -16.71 -16.94
C ALA B 282 -24.42 -15.25 -17.39
N ILE B 283 -23.26 -14.58 -17.44
CA ILE B 283 -23.24 -13.18 -17.83
C ILE B 283 -23.70 -13.01 -19.27
N THR B 284 -23.23 -13.88 -20.16
CA THR B 284 -23.71 -13.85 -21.54
C THR B 284 -25.20 -14.17 -21.61
N GLY B 285 -25.65 -15.14 -20.82
CA GLY B 285 -27.08 -15.42 -20.75
C GLY B 285 -27.86 -14.27 -20.13
N PHE B 286 -27.30 -13.65 -19.10
CA PHE B 286 -27.95 -12.50 -18.48
C PHE B 286 -28.06 -11.34 -19.47
N ASN B 287 -26.96 -11.04 -20.18
CA ASN B 287 -26.93 -9.86 -21.03
C ASN B 287 -27.87 -9.99 -22.22
N THR B 288 -27.81 -11.12 -22.93
CA THR B 288 -28.62 -11.27 -24.14
C THR B 288 -30.11 -11.36 -23.80
N CYS B 289 -30.44 -11.86 -22.60
CA CYS B 289 -31.83 -11.87 -22.17
C CYS B 289 -32.24 -10.53 -21.55
N LEU B 290 -31.26 -9.74 -21.09
CA LEU B 290 -31.58 -8.40 -20.61
C LEU B 290 -31.91 -7.46 -21.75
N GLY B 291 -31.16 -7.54 -22.86
CA GLY B 291 -31.43 -6.68 -23.98
C GLY B 291 -32.79 -6.92 -24.60
N ILE B 292 -33.17 -8.18 -24.77
CA ILE B 292 -34.47 -8.49 -25.35
C ILE B 292 -35.61 -8.05 -24.43
N ALA B 293 -35.35 -7.91 -23.12
CA ALA B 293 -36.35 -7.37 -22.22
C ALA B 293 -36.55 -5.88 -22.44
N PHE B 294 -35.51 -5.19 -22.90
CA PHE B 294 -35.57 -3.77 -23.19
C PHE B 294 -35.50 -3.46 -24.68
N SER B 295 -35.38 -4.49 -25.53
CA SER B 295 -35.38 -4.33 -26.98
C SER B 295 -34.30 -3.36 -27.45
N THR B 296 -33.07 -3.60 -27.01
CA THR B 296 -31.92 -2.83 -27.45
C THR B 296 -30.79 -3.78 -27.82
N GLY B 297 -30.00 -3.38 -28.80
CA GLY B 297 -28.93 -4.22 -29.30
C GLY B 297 -29.45 -5.37 -30.13
N SER B 298 -28.56 -6.32 -30.39
CA SER B 298 -28.90 -7.52 -31.15
C SER B 298 -28.38 -8.75 -30.41
N THR B 299 -29.13 -9.84 -30.50
CA THR B 299 -28.73 -11.06 -29.83
C THR B 299 -27.47 -11.66 -30.42
N VAL B 300 -27.15 -11.33 -31.68
CA VAL B 300 -26.02 -11.97 -32.35
C VAL B 300 -24.70 -11.60 -31.67
N PHE B 301 -24.50 -10.32 -31.41
CA PHE B 301 -23.23 -9.90 -30.80
C PHE B 301 -23.15 -10.34 -29.34
N ASN B 302 -24.25 -10.23 -28.61
CA ASN B 302 -24.23 -10.58 -27.18
C ASN B 302 -23.90 -12.05 -26.98
N VAL B 303 -24.48 -12.93 -27.80
CA VAL B 303 -24.10 -14.34 -27.74
C VAL B 303 -22.70 -14.55 -28.28
N LEU B 304 -22.35 -13.89 -29.39
CA LEU B 304 -21.01 -14.04 -29.94
C LEU B 304 -19.96 -13.46 -29.01
N ARG B 305 -20.32 -12.49 -28.17
CA ARG B 305 -19.36 -11.98 -27.18
C ARG B 305 -18.91 -13.10 -26.25
N GLY B 306 -19.86 -13.92 -25.78
CA GLY B 306 -19.49 -14.99 -24.87
C GLY B 306 -18.51 -15.97 -25.47
N VAL B 307 -18.63 -16.24 -26.76
CA VAL B 307 -17.65 -17.09 -27.44
C VAL B 307 -16.31 -16.37 -27.54
N LEU B 308 -16.34 -15.06 -27.81
CA LEU B 308 -15.10 -14.30 -27.91
C LEU B 308 -14.39 -14.20 -26.57
N GLU B 309 -15.14 -14.14 -25.46
CA GLU B 309 -14.52 -14.13 -24.14
C GLU B 309 -13.65 -15.37 -23.94
N VAL B 310 -14.10 -16.51 -24.46
CA VAL B 310 -13.32 -17.74 -24.33
C VAL B 310 -12.05 -17.68 -25.16
N VAL B 311 -12.16 -17.22 -26.42
CA VAL B 311 -11.04 -17.30 -27.34
C VAL B 311 -9.92 -16.32 -26.94
N ILE B 312 -10.29 -15.10 -26.55
CA ILE B 312 -9.27 -14.13 -26.16
C ILE B 312 -8.81 -14.41 -24.73
N GLY B 313 -9.67 -15.03 -23.92
CA GLY B 313 -9.26 -15.39 -22.57
C GLY B 313 -8.16 -16.43 -22.58
N VAL B 314 -8.30 -17.46 -23.43
CA VAL B 314 -7.27 -18.48 -23.54
C VAL B 314 -6.04 -17.93 -24.26
N ALA B 315 -6.25 -17.20 -25.35
CA ALA B 315 -5.13 -16.71 -26.16
C ALA B 315 -4.25 -15.75 -25.36
N THR B 316 -4.88 -14.77 -24.69
CA THR B 316 -4.12 -13.89 -23.81
C THR B 316 -3.55 -14.65 -22.62
N GLY B 317 -4.34 -15.56 -22.06
CA GLY B 317 -3.88 -16.32 -20.91
C GLY B 317 -2.75 -17.27 -21.25
N SER B 318 -2.79 -17.88 -22.44
CA SER B 318 -1.76 -18.85 -22.82
C SER B 318 -0.40 -18.19 -22.97
N VAL B 319 -0.33 -17.11 -23.75
CA VAL B 319 0.95 -16.45 -23.99
C VAL B 319 1.50 -15.86 -22.69
N LEU B 320 0.62 -15.40 -21.80
CA LEU B 320 1.06 -14.93 -20.49
C LEU B 320 1.53 -16.07 -19.61
N GLY B 321 0.92 -17.25 -19.77
CA GLY B 321 1.32 -18.39 -18.95
C GLY B 321 2.73 -18.86 -19.24
N PHE B 322 3.09 -18.97 -20.53
CA PHE B 322 4.46 -19.32 -20.88
C PHE B 322 5.41 -18.16 -20.63
N PHE B 323 4.88 -16.94 -20.58
CA PHE B 323 5.69 -15.76 -20.31
C PHE B 323 6.31 -15.82 -18.92
N ILE B 324 5.47 -16.03 -17.90
CA ILE B 324 5.97 -16.04 -16.52
C ILE B 324 6.73 -17.32 -16.23
N GLN B 325 6.40 -18.41 -16.91
CA GLN B 325 6.96 -19.71 -16.58
C GLN B 325 8.46 -19.79 -16.85
N TYR B 326 9.00 -18.92 -17.71
CA TYR B 326 10.42 -18.96 -18.03
C TYR B 326 11.23 -17.78 -17.51
N PHE B 327 10.75 -16.54 -17.61
CA PHE B 327 11.64 -15.40 -17.52
C PHE B 327 12.11 -15.15 -16.09
N PRO B 328 11.30 -15.32 -15.05
CA PRO B 328 11.88 -15.46 -13.70
C PRO B 328 12.48 -16.86 -13.56
N SER B 329 13.80 -16.94 -13.68
CA SER B 329 14.50 -18.22 -13.72
C SER B 329 15.13 -18.52 -12.37
N ARG B 330 15.58 -19.76 -12.21
CA ARG B 330 16.09 -20.26 -10.94
C ARG B 330 17.46 -19.69 -10.56
N ASP B 331 17.99 -18.74 -11.33
CA ASP B 331 19.29 -18.14 -11.05
C ASP B 331 19.17 -16.71 -10.54
N GLN B 332 17.98 -16.28 -10.16
CA GLN B 332 17.79 -14.93 -9.66
C GLN B 332 17.72 -14.95 -8.13
N ASP B 333 17.69 -13.75 -7.52
CA ASP B 333 17.74 -13.62 -6.08
C ASP B 333 16.36 -13.42 -5.45
N LYS B 334 15.63 -12.40 -5.89
CA LYS B 334 14.30 -12.11 -5.37
C LYS B 334 13.24 -12.88 -6.17
N LEU B 335 13.47 -14.19 -6.29
CA LEU B 335 12.64 -15.01 -7.17
C LEU B 335 11.20 -15.08 -6.69
N VAL B 336 10.99 -15.39 -5.42
CA VAL B 336 9.63 -15.54 -4.91
C VAL B 336 8.90 -14.20 -4.94
N CYS B 337 9.58 -13.12 -4.54
CA CYS B 337 8.96 -11.81 -4.57
C CYS B 337 8.61 -11.38 -5.98
N LYS B 338 9.50 -11.65 -6.94
CA LYS B 338 9.24 -11.25 -8.31
C LYS B 338 8.14 -12.10 -8.94
N ARG B 339 8.10 -13.40 -8.60
CA ARG B 339 7.07 -14.26 -9.15
C ARG B 339 5.68 -13.86 -8.65
N THR B 340 5.52 -13.71 -7.34
CA THR B 340 4.21 -13.45 -6.77
C THR B 340 3.64 -12.12 -7.26
N PHE B 341 4.52 -11.15 -7.53
CA PHE B 341 4.08 -9.90 -8.11
C PHE B 341 3.58 -10.10 -9.54
N LEU B 342 4.25 -10.97 -10.29
CA LEU B 342 3.93 -11.15 -11.70
C LEU B 342 2.55 -11.78 -11.89
N VAL B 343 2.28 -12.87 -11.17
CA VAL B 343 1.02 -13.60 -11.37
C VAL B 343 -0.16 -12.78 -10.89
N LEU B 344 -0.05 -12.19 -9.70
CA LEU B 344 -1.17 -11.44 -9.15
C LEU B 344 -1.28 -10.06 -9.81
N GLY B 345 -0.14 -9.47 -10.16
CA GLY B 345 -0.18 -8.19 -10.87
C GLY B 345 -0.81 -8.30 -12.23
N LEU B 346 -0.44 -9.35 -12.98
CA LEU B 346 -1.06 -9.58 -14.28
C LEU B 346 -2.51 -10.01 -14.13
N SER B 347 -2.82 -10.72 -13.05
CA SER B 347 -4.21 -11.11 -12.79
C SER B 347 -5.08 -9.87 -12.55
N VAL B 348 -4.57 -8.92 -11.78
CA VAL B 348 -5.31 -7.66 -11.57
C VAL B 348 -5.40 -6.89 -12.88
N LEU B 349 -4.33 -6.90 -13.67
CA LEU B 349 -4.35 -6.23 -14.97
C LEU B 349 -5.37 -6.88 -15.90
N ALA B 350 -5.44 -8.22 -15.89
CA ALA B 350 -6.36 -8.91 -16.79
C ALA B 350 -7.81 -8.62 -16.42
N VAL B 351 -8.13 -8.62 -15.13
CA VAL B 351 -9.51 -8.44 -14.70
C VAL B 351 -10.00 -7.03 -14.98
N PHE B 352 -9.19 -6.04 -14.63
CA PHE B 352 -9.63 -4.65 -14.76
C PHE B 352 -9.65 -4.19 -16.21
N SER B 353 -8.65 -4.57 -17.00
CA SER B 353 -8.61 -4.16 -18.40
C SER B 353 -9.75 -4.79 -19.19
N SER B 354 -10.06 -6.05 -18.93
CA SER B 354 -11.16 -6.72 -19.63
C SER B 354 -12.49 -6.03 -19.34
N VAL B 355 -12.72 -5.64 -18.10
CA VAL B 355 -13.93 -4.88 -17.76
C VAL B 355 -13.92 -3.54 -18.47
N HIS B 356 -12.76 -2.86 -18.48
CA HIS B 356 -12.66 -1.55 -19.12
C HIS B 356 -12.90 -1.65 -20.62
N PHE B 357 -12.24 -2.60 -21.28
CA PHE B 357 -12.34 -2.70 -22.73
C PHE B 357 -13.67 -3.29 -23.21
N GLY B 358 -14.45 -3.89 -22.31
CA GLY B 358 -15.76 -4.37 -22.67
C GLY B 358 -15.90 -5.86 -22.85
N PHE B 359 -15.04 -6.67 -22.22
CA PHE B 359 -15.14 -8.12 -22.28
C PHE B 359 -15.08 -8.70 -20.87
N PRO B 360 -16.10 -8.44 -20.04
CA PRO B 360 -16.09 -8.98 -18.68
C PRO B 360 -16.13 -10.51 -18.70
N GLY B 361 -15.44 -11.10 -17.73
CA GLY B 361 -15.35 -12.54 -17.62
C GLY B 361 -14.17 -13.14 -18.33
N SER B 362 -13.53 -12.40 -19.24
CA SER B 362 -12.30 -12.86 -19.87
C SER B 362 -11.08 -12.62 -19.00
N GLY B 363 -11.24 -11.92 -17.87
CA GLY B 363 -10.18 -11.79 -16.89
C GLY B 363 -10.18 -12.87 -15.83
N GLY B 364 -11.22 -13.70 -15.80
CA GLY B 364 -11.27 -14.82 -14.89
C GLY B 364 -10.81 -16.11 -15.56
N LEU B 365 -11.10 -16.24 -16.84
CA LEU B 365 -10.57 -17.37 -17.60
C LEU B 365 -9.10 -17.17 -17.92
N CYS B 366 -8.70 -15.92 -18.19
CA CYS B 366 -7.28 -15.63 -18.41
C CYS B 366 -6.48 -15.88 -17.14
N THR B 367 -6.98 -15.40 -16.00
CA THR B 367 -6.26 -15.58 -14.74
C THR B 367 -6.13 -17.06 -14.38
N LEU B 368 -7.20 -17.82 -14.55
CA LEU B 368 -7.15 -19.24 -14.21
C LEU B 368 -6.24 -20.00 -15.14
N VAL B 369 -6.18 -19.59 -16.41
CA VAL B 369 -5.33 -20.30 -17.37
C VAL B 369 -3.86 -19.95 -17.15
N MET B 370 -3.55 -18.66 -17.01
CA MET B 370 -2.15 -18.25 -16.86
C MET B 370 -1.56 -18.76 -15.56
N ALA B 371 -2.35 -18.75 -14.48
CA ALA B 371 -1.87 -19.26 -13.20
C ALA B 371 -1.62 -20.76 -13.28
N PHE B 372 -2.51 -21.48 -13.96
CA PHE B 372 -2.36 -22.93 -14.09
C PHE B 372 -1.10 -23.29 -14.87
N LEU B 373 -0.90 -22.64 -16.02
CA LEU B 373 0.29 -22.92 -16.82
C LEU B 373 1.56 -22.48 -16.10
N ALA B 374 1.52 -21.34 -15.41
CA ALA B 374 2.66 -20.91 -14.60
C ALA B 374 2.97 -21.93 -13.51
N GLY B 375 1.95 -22.62 -13.01
CA GLY B 375 2.16 -23.65 -12.00
C GLY B 375 2.80 -24.92 -12.52
N MET B 376 2.70 -25.17 -13.82
CA MET B 376 3.25 -26.39 -14.39
C MET B 376 4.75 -26.29 -14.67
N GLY B 377 5.31 -25.08 -14.70
CA GLY B 377 6.74 -24.92 -14.78
C GLY B 377 7.33 -24.75 -13.39
N TRP B 378 6.48 -24.33 -12.45
CA TRP B 378 6.85 -24.20 -11.05
C TRP B 378 6.49 -25.50 -10.34
N THR B 379 7.30 -26.54 -10.62
CA THR B 379 6.95 -27.89 -10.21
C THR B 379 6.80 -28.00 -8.70
N SER B 380 7.79 -27.54 -7.95
CA SER B 380 7.74 -27.58 -6.50
C SER B 380 8.00 -26.22 -5.86
N GLU B 381 8.47 -25.24 -6.62
CA GLU B 381 8.73 -23.90 -6.11
C GLU B 381 7.52 -22.98 -6.22
N LYS B 382 6.35 -23.54 -6.51
CA LYS B 382 5.12 -22.78 -6.44
C LYS B 382 4.55 -22.70 -5.04
N ALA B 383 5.04 -23.54 -4.12
CA ALA B 383 4.48 -23.60 -2.77
C ALA B 383 4.66 -22.28 -2.04
N GLU B 384 5.85 -21.68 -2.13
CA GLU B 384 6.10 -20.44 -1.42
C GLU B 384 5.25 -19.30 -1.97
N VAL B 385 4.89 -19.36 -3.25
CA VAL B 385 4.09 -18.30 -3.85
C VAL B 385 2.68 -18.28 -3.27
N GLU B 386 2.06 -19.45 -3.17
CA GLU B 386 0.65 -19.49 -2.78
C GLU B 386 0.46 -19.19 -1.29
N LYS B 387 1.51 -19.41 -0.48
CA LYS B 387 1.44 -19.01 0.92
C LYS B 387 1.28 -17.49 1.05
N ILE B 388 2.03 -16.73 0.24
CA ILE B 388 1.87 -15.29 0.24
C ILE B 388 0.50 -14.91 -0.29
N ILE B 389 0.01 -15.64 -1.28
CA ILE B 389 -1.34 -15.40 -1.79
C ILE B 389 -2.37 -15.75 -0.74
N ALA B 390 -2.13 -16.80 0.04
CA ALA B 390 -3.05 -17.20 1.10
C ALA B 390 -3.15 -16.11 2.17
N VAL B 391 -2.02 -15.48 2.52
CA VAL B 391 -2.04 -14.40 3.49
C VAL B 391 -2.83 -13.21 2.94
N ALA B 392 -2.66 -12.92 1.64
CA ALA B 392 -3.39 -11.82 1.03
C ALA B 392 -4.90 -12.08 1.04
N TRP B 393 -5.31 -13.33 0.84
CA TRP B 393 -6.73 -13.66 0.86
C TRP B 393 -7.32 -13.44 2.25
N ASP B 394 -6.56 -13.79 3.30
CA ASP B 394 -7.06 -13.61 4.66
C ASP B 394 -7.34 -12.14 4.95
N ILE B 395 -6.60 -11.23 4.30
CA ILE B 395 -6.85 -9.80 4.46
C ILE B 395 -8.02 -9.31 3.62
N PHE B 396 -8.29 -9.94 2.48
CA PHE B 396 -9.34 -9.49 1.58
C PHE B 396 -10.66 -10.21 1.73
N GLN B 397 -10.69 -11.36 2.42
CA GLN B 397 -11.97 -12.03 2.65
C GLN B 397 -12.94 -11.17 3.47
N PRO B 398 -12.52 -10.53 4.58
CA PRO B 398 -13.47 -9.63 5.28
C PRO B 398 -13.99 -8.51 4.39
N LEU B 399 -13.15 -7.97 3.51
CA LEU B 399 -13.57 -6.88 2.65
C LEU B 399 -14.60 -7.35 1.63
N LEU B 400 -14.32 -8.48 0.96
CA LEU B 400 -15.20 -8.94 -0.11
C LEU B 400 -16.58 -9.31 0.42
N PHE B 401 -16.62 -10.13 1.46
CA PHE B 401 -17.91 -10.59 1.97
C PHE B 401 -18.62 -9.49 2.75
N GLY B 402 -17.86 -8.64 3.43
CA GLY B 402 -18.46 -7.50 4.10
C GLY B 402 -19.09 -6.52 3.12
N LEU B 403 -18.42 -6.26 2.00
CA LEU B 403 -18.98 -5.37 0.99
C LEU B 403 -20.23 -5.97 0.35
N ILE B 404 -20.22 -7.28 0.10
CA ILE B 404 -21.36 -7.93 -0.54
C ILE B 404 -22.62 -7.74 0.30
N GLY B 405 -22.52 -7.92 1.61
CA GLY B 405 -23.65 -7.67 2.47
C GLY B 405 -23.99 -6.20 2.58
N ALA B 406 -23.07 -5.33 2.16
CA ALA B 406 -23.31 -3.89 2.23
C ALA B 406 -24.11 -3.36 1.04
N GLU B 407 -24.36 -4.16 0.01
CA GLU B 407 -25.22 -3.73 -1.08
C GLU B 407 -26.70 -4.00 -0.82
N VAL B 408 -27.02 -5.04 -0.06
CA VAL B 408 -28.40 -5.43 0.19
C VAL B 408 -29.05 -4.47 1.19
N SER B 409 -30.03 -3.71 0.70
CA SER B 409 -30.86 -2.88 1.56
C SER B 409 -32.16 -3.61 1.91
N ILE B 410 -33.11 -2.88 2.49
CA ILE B 410 -34.46 -3.38 2.71
C ILE B 410 -35.49 -2.44 2.10
N ALA B 411 -35.05 -1.46 1.31
CA ALA B 411 -35.94 -0.64 0.51
C ALA B 411 -36.06 -1.14 -0.91
N SER B 412 -35.16 -2.02 -1.35
CA SER B 412 -35.23 -2.66 -2.65
C SER B 412 -35.88 -4.04 -2.58
N LEU B 413 -36.24 -4.49 -1.38
CA LEU B 413 -36.93 -5.76 -1.19
C LEU B 413 -38.40 -5.48 -0.89
N ARG B 414 -39.25 -6.43 -1.25
CA ARG B 414 -40.68 -6.25 -1.12
C ARG B 414 -41.26 -7.23 -0.12
N PRO B 415 -41.90 -6.77 0.96
CA PRO B 415 -42.47 -7.71 1.93
C PRO B 415 -43.69 -8.45 1.41
N GLU B 416 -44.33 -7.96 0.35
CA GLU B 416 -45.43 -8.71 -0.26
C GLU B 416 -44.94 -10.03 -0.81
N THR B 417 -43.71 -10.08 -1.31
CA THR B 417 -43.14 -11.29 -1.91
C THR B 417 -41.75 -11.56 -1.30
N VAL B 418 -41.76 -12.27 -0.18
CA VAL B 418 -40.57 -12.93 0.33
C VAL B 418 -40.80 -14.42 0.55
N GLY B 419 -42.03 -14.82 0.89
CA GLY B 419 -42.29 -16.24 1.15
C GLY B 419 -42.16 -17.09 -0.10
N LEU B 420 -42.69 -16.61 -1.21
CA LEU B 420 -42.63 -17.35 -2.46
C LEU B 420 -41.41 -16.97 -3.30
N CYS B 421 -40.67 -15.93 -2.92
CA CYS B 421 -39.34 -15.74 -3.46
C CYS B 421 -38.32 -16.67 -2.81
N VAL B 422 -38.66 -17.23 -1.64
CA VAL B 422 -37.91 -18.36 -1.12
C VAL B 422 -38.29 -19.63 -1.85
N ALA B 423 -39.53 -19.69 -2.36
CA ALA B 423 -39.98 -20.87 -3.08
C ALA B 423 -39.15 -21.09 -4.34
N THR B 424 -38.96 -20.05 -5.15
CA THR B 424 -38.15 -20.19 -6.35
C THR B 424 -36.71 -20.53 -6.01
N VAL B 425 -36.15 -19.87 -5.00
CA VAL B 425 -34.79 -20.21 -4.58
C VAL B 425 -34.75 -21.60 -3.97
N GLY B 426 -35.74 -21.92 -3.14
CA GLY B 426 -35.78 -23.22 -2.48
C GLY B 426 -35.93 -24.39 -3.44
N ILE B 427 -36.83 -24.26 -4.42
CA ILE B 427 -37.03 -25.34 -5.38
C ILE B 427 -35.86 -25.41 -6.35
N ALA B 428 -35.32 -24.26 -6.77
CA ALA B 428 -34.21 -24.26 -7.71
C ALA B 428 -32.98 -24.93 -7.14
N VAL B 429 -32.72 -24.73 -5.84
CA VAL B 429 -31.61 -25.44 -5.18
C VAL B 429 -31.85 -26.94 -5.23
N LEU B 430 -33.09 -27.37 -4.98
CA LEU B 430 -33.41 -28.78 -5.13
C LEU B 430 -33.18 -29.26 -6.55
N ILE B 431 -33.55 -28.44 -7.54
CA ILE B 431 -33.26 -28.78 -8.93
C ILE B 431 -31.76 -28.80 -9.19
N ARG B 432 -31.05 -27.79 -8.70
CA ARG B 432 -29.61 -27.69 -8.95
C ARG B 432 -28.88 -28.91 -8.36
N ILE B 433 -29.28 -29.33 -7.16
CA ILE B 433 -28.68 -30.53 -6.57
C ILE B 433 -29.01 -31.75 -7.42
N LEU B 434 -30.25 -31.83 -7.91
CA LEU B 434 -30.67 -33.03 -8.65
C LEU B 434 -29.93 -33.16 -9.98
N THR B 435 -29.79 -32.05 -10.71
CA THR B 435 -29.12 -32.11 -12.01
C THR B 435 -27.62 -32.31 -11.85
N THR B 436 -27.02 -31.73 -10.81
CA THR B 436 -25.60 -31.95 -10.56
C THR B 436 -25.31 -33.41 -10.26
N PHE B 437 -26.31 -34.15 -9.78
CA PHE B 437 -26.15 -35.58 -9.55
C PHE B 437 -25.96 -36.32 -10.86
N LEU B 438 -26.82 -36.04 -11.85
CA LEU B 438 -26.77 -36.76 -13.12
C LEU B 438 -25.52 -36.41 -13.91
N MET B 439 -25.08 -35.15 -13.86
CA MET B 439 -23.93 -34.71 -14.63
C MET B 439 -22.67 -35.45 -14.19
N VAL B 440 -22.59 -35.82 -12.91
CA VAL B 440 -21.41 -36.48 -12.36
C VAL B 440 -21.65 -37.99 -12.24
N CYS B 441 -22.74 -38.50 -12.80
CA CYS B 441 -23.17 -39.87 -12.58
C CYS B 441 -22.45 -40.88 -13.46
N PHE B 442 -21.57 -40.42 -14.35
CA PHE B 442 -20.86 -41.32 -15.26
C PHE B 442 -19.36 -41.06 -15.26
N ALA B 443 -18.79 -40.60 -14.16
CA ALA B 443 -17.39 -40.19 -14.09
C ALA B 443 -16.52 -41.17 -13.31
N GLY B 444 -17.05 -42.34 -12.95
CA GLY B 444 -16.31 -43.29 -12.15
C GLY B 444 -16.35 -43.05 -10.67
N PHE B 445 -16.87 -41.91 -10.22
CA PHE B 445 -17.02 -41.65 -8.79
C PHE B 445 -18.02 -42.63 -8.18
N ASN B 446 -17.87 -42.88 -6.89
CA ASN B 446 -18.81 -43.71 -6.17
C ASN B 446 -20.02 -42.86 -5.74
N LEU B 447 -20.93 -43.48 -5.00
CA LEU B 447 -22.15 -42.77 -4.59
C LEU B 447 -21.82 -41.61 -3.67
N LYS B 448 -20.86 -41.78 -2.77
CA LYS B 448 -20.60 -40.76 -1.76
C LYS B 448 -20.07 -39.47 -2.38
N GLU B 449 -19.09 -39.57 -3.30
CA GLU B 449 -18.51 -38.36 -3.87
C GLU B 449 -19.51 -37.61 -4.74
N LYS B 450 -20.46 -38.32 -5.36
CA LYS B 450 -21.49 -37.65 -6.13
C LYS B 450 -22.34 -36.76 -5.22
N ILE B 451 -22.67 -37.24 -4.02
CA ILE B 451 -23.43 -36.44 -3.07
C ILE B 451 -22.62 -35.22 -2.65
N PHE B 452 -21.33 -35.40 -2.38
CA PHE B 452 -20.48 -34.28 -1.97
C PHE B 452 -20.39 -33.23 -3.07
N ILE B 453 -20.24 -33.66 -4.32
CA ILE B 453 -20.24 -32.72 -5.44
C ILE B 453 -21.61 -32.09 -5.61
N SER B 454 -22.67 -32.87 -5.36
CA SER B 454 -24.02 -32.33 -5.49
C SER B 454 -24.26 -31.20 -4.49
N PHE B 455 -23.77 -31.34 -3.27
CA PHE B 455 -24.01 -30.35 -2.23
C PHE B 455 -22.97 -29.23 -2.21
N ALA B 456 -21.82 -29.42 -2.82
CA ALA B 456 -20.78 -28.41 -2.83
C ALA B 456 -20.85 -27.48 -4.04
N TRP B 457 -21.85 -27.64 -4.90
CA TRP B 457 -22.00 -26.82 -6.09
C TRP B 457 -23.04 -25.72 -5.91
N LEU B 458 -23.55 -25.55 -4.69
CA LEU B 458 -24.64 -24.63 -4.37
C LEU B 458 -24.22 -23.16 -4.17
N PRO B 459 -23.14 -22.86 -3.40
CA PRO B 459 -22.94 -21.47 -2.94
C PRO B 459 -22.93 -20.42 -4.04
N LYS B 460 -23.64 -19.33 -3.81
CA LYS B 460 -23.85 -18.31 -4.84
C LYS B 460 -23.77 -16.93 -4.20
N ALA B 461 -22.58 -16.35 -4.17
CA ALA B 461 -22.41 -15.09 -3.45
C ALA B 461 -21.96 -13.93 -4.32
N THR B 462 -20.85 -14.09 -5.04
CA THR B 462 -20.20 -12.94 -5.69
C THR B 462 -20.96 -12.50 -6.93
N VAL B 463 -21.35 -13.46 -7.77
CA VAL B 463 -21.92 -13.12 -9.07
C VAL B 463 -23.28 -12.47 -8.91
N GLN B 464 -24.09 -12.97 -7.97
CA GLN B 464 -25.40 -12.38 -7.73
C GLN B 464 -25.28 -10.93 -7.27
N ALA B 465 -24.29 -10.63 -6.44
CA ALA B 465 -24.06 -9.26 -5.99
C ALA B 465 -23.63 -8.37 -7.17
N ALA B 466 -22.80 -8.91 -8.06
CA ALA B 466 -22.25 -8.10 -9.14
C ALA B 466 -23.30 -7.69 -10.16
N ILE B 467 -24.20 -8.60 -10.52
CA ILE B 467 -25.17 -8.36 -11.59
C ILE B 467 -26.60 -8.39 -11.11
N GLY B 468 -26.84 -8.43 -9.80
CA GLY B 468 -28.21 -8.46 -9.31
C GLY B 468 -28.96 -7.18 -9.59
N SER B 469 -28.31 -6.03 -9.34
CA SER B 469 -28.96 -4.73 -9.44
C SER B 469 -28.90 -4.13 -10.83
N VAL B 470 -28.26 -4.80 -11.80
CA VAL B 470 -28.12 -4.23 -13.14
C VAL B 470 -29.48 -4.12 -13.81
N ALA B 471 -30.35 -5.11 -13.62
CA ALA B 471 -31.67 -5.07 -14.25
C ALA B 471 -32.51 -3.93 -13.72
N LEU B 472 -32.53 -3.75 -12.39
CA LEU B 472 -33.31 -2.66 -11.81
C LEU B 472 -32.71 -1.30 -12.15
N ASP B 473 -31.38 -1.20 -12.11
CA ASP B 473 -30.73 0.08 -12.42
C ASP B 473 -31.01 0.51 -13.85
N THR B 474 -31.01 -0.45 -14.78
CA THR B 474 -31.34 -0.12 -16.17
C THR B 474 -32.82 0.21 -16.33
N ALA B 475 -33.68 -0.43 -15.54
CA ALA B 475 -35.11 -0.15 -15.62
C ALA B 475 -35.42 1.29 -15.24
N ARG B 476 -34.78 1.78 -14.17
CA ARG B 476 -35.01 3.16 -13.75
C ARG B 476 -34.46 4.14 -14.78
N SER B 477 -33.35 3.80 -15.44
CA SER B 477 -32.78 4.68 -16.44
C SER B 477 -33.75 4.90 -17.60
N HIS B 478 -34.46 3.85 -18.02
CA HIS B 478 -35.46 3.98 -19.08
C HIS B 478 -36.74 4.63 -18.59
N GLY B 479 -36.92 4.75 -17.28
CA GLY B 479 -38.09 5.43 -16.73
C GLY B 479 -39.41 4.75 -17.02
N GLU B 480 -39.43 3.42 -17.08
CA GLU B 480 -40.68 2.69 -17.29
C GLU B 480 -41.39 2.49 -15.95
N LYS B 481 -42.58 1.90 -16.02
CA LYS B 481 -43.36 1.68 -14.79
C LYS B 481 -43.30 0.22 -14.34
N GLN B 482 -43.73 -0.70 -15.21
CA GLN B 482 -43.87 -2.09 -14.79
C GLN B 482 -42.54 -2.80 -14.62
N LEU B 483 -41.48 -2.32 -15.26
CA LEU B 483 -40.25 -3.09 -15.26
C LEU B 483 -39.47 -2.94 -13.95
N GLU B 484 -39.75 -1.88 -13.19
CA GLU B 484 -39.18 -1.78 -11.85
C GLU B 484 -39.82 -2.76 -10.90
N ASP B 485 -41.10 -3.06 -11.09
CA ASP B 485 -41.74 -4.12 -10.30
C ASP B 485 -41.06 -5.45 -10.56
N TYR B 486 -40.74 -5.74 -11.82
CA TYR B 486 -40.00 -6.96 -12.15
C TYR B 486 -38.56 -6.88 -11.64
N GLY B 487 -37.97 -5.68 -11.68
CA GLY B 487 -36.58 -5.55 -11.28
C GLY B 487 -36.35 -5.81 -9.80
N MET B 488 -37.28 -5.35 -8.95
CA MET B 488 -37.13 -5.56 -7.52
C MET B 488 -37.17 -7.04 -7.16
N ASP B 489 -38.04 -7.81 -7.82
CA ASP B 489 -38.14 -9.23 -7.53
C ASP B 489 -36.86 -9.96 -7.92
N VAL B 490 -36.23 -9.54 -9.02
CA VAL B 490 -34.94 -10.11 -9.39
C VAL B 490 -33.91 -9.81 -8.31
N LEU B 491 -33.96 -8.61 -7.74
CA LEU B 491 -33.03 -8.25 -6.67
C LEU B 491 -33.28 -9.09 -5.43
N THR B 492 -34.55 -9.34 -5.09
CA THR B 492 -34.87 -10.16 -3.93
C THR B 492 -34.35 -11.58 -4.09
N VAL B 493 -34.55 -12.16 -5.28
CA VAL B 493 -34.04 -13.50 -5.53
C VAL B 493 -32.52 -13.50 -5.59
N ALA B 494 -31.92 -12.46 -6.14
CA ALA B 494 -30.46 -12.39 -6.20
C ALA B 494 -29.85 -12.25 -4.81
N PHE B 495 -30.58 -11.63 -3.89
CA PHE B 495 -30.04 -11.39 -2.55
C PHE B 495 -30.43 -12.50 -1.57
N LEU B 496 -31.65 -13.02 -1.68
CA LEU B 496 -32.03 -14.16 -0.84
C LEU B 496 -31.18 -15.39 -1.18
N SER B 497 -30.74 -15.50 -2.42
CA SER B 497 -29.89 -16.62 -2.82
C SER B 497 -28.58 -16.62 -2.05
N ILE B 498 -28.00 -15.44 -1.84
CA ILE B 498 -26.73 -15.34 -1.11
C ILE B 498 -26.92 -15.71 0.35
N LEU B 499 -28.03 -15.26 0.96
CA LEU B 499 -28.18 -15.41 2.40
C LEU B 499 -28.45 -16.86 2.81
N ILE B 500 -29.16 -17.62 1.97
CA ILE B 500 -29.58 -18.94 2.41
C ILE B 500 -28.78 -20.07 1.78
N THR B 501 -28.02 -19.81 0.71
CA THR B 501 -27.22 -20.84 0.07
C THR B 501 -25.75 -20.79 0.47
N ALA B 502 -25.14 -19.61 0.43
CA ALA B 502 -23.72 -19.51 0.75
C ALA B 502 -23.39 -19.91 2.19
N PRO B 503 -24.09 -19.42 3.22
CA PRO B 503 -23.79 -19.92 4.57
C PRO B 503 -23.97 -21.41 4.73
N ILE B 504 -24.99 -21.99 4.10
CA ILE B 504 -25.20 -23.43 4.22
C ILE B 504 -24.30 -24.20 3.26
N GLY B 505 -23.89 -23.58 2.16
CA GLY B 505 -22.95 -24.23 1.26
C GLY B 505 -21.59 -24.45 1.89
N SER B 506 -21.12 -23.44 2.63
CA SER B 506 -19.82 -23.56 3.29
C SER B 506 -19.86 -24.63 4.37
N LEU B 507 -20.99 -24.74 5.08
CA LEU B 507 -21.11 -25.74 6.13
C LEU B 507 -21.04 -27.15 5.56
N LEU B 508 -21.70 -27.38 4.43
CA LEU B 508 -21.75 -28.73 3.86
C LEU B 508 -20.40 -29.16 3.30
N ILE B 509 -19.68 -28.22 2.68
CA ILE B 509 -18.37 -28.54 2.13
C ILE B 509 -17.41 -28.92 3.26
N GLY B 510 -17.38 -28.12 4.32
CA GLY B 510 -16.47 -28.40 5.42
C GLY B 510 -16.82 -29.67 6.18
N LEU B 511 -18.11 -29.86 6.46
CA LEU B 511 -18.53 -30.95 7.34
C LEU B 511 -18.58 -32.28 6.59
N LEU B 512 -19.35 -32.34 5.50
CA LEU B 512 -19.50 -33.60 4.78
C LEU B 512 -18.20 -34.04 4.11
N GLY B 513 -17.24 -33.13 3.98
CA GLY B 513 -15.98 -33.42 3.33
C GLY B 513 -15.27 -34.64 3.86
N PRO B 514 -14.81 -34.58 5.12
CA PRO B 514 -14.04 -35.72 5.67
C PRO B 514 -14.79 -37.04 5.66
N ARG B 515 -16.12 -37.02 5.88
CA ARG B 515 -16.85 -38.27 5.99
C ARG B 515 -16.99 -38.97 4.64
N LEU B 516 -17.32 -38.22 3.59
CA LEU B 516 -17.62 -38.81 2.29
C LEU B 516 -16.36 -39.09 1.48
N LEU B 517 -15.49 -38.09 1.33
CA LEU B 517 -14.28 -38.27 0.53
C LEU B 517 -13.31 -39.24 1.19
N GLN B 518 -12.48 -39.87 0.37
CA GLN B 518 -11.52 -40.86 0.82
C GLN B 518 -10.20 -40.17 1.12
N LYS B 519 -9.90 -39.98 2.39
CA LYS B 519 -8.63 -39.35 2.78
C LYS B 519 -7.46 -40.21 2.35
N VAL B 520 -6.43 -39.56 1.81
CA VAL B 520 -5.27 -40.28 1.31
C VAL B 520 -4.52 -40.93 2.47
N GLU B 521 -4.17 -42.20 2.31
CA GLU B 521 -3.45 -42.96 3.32
C GLU B 521 -2.09 -42.34 3.62
NA NA C . 19.39 17.85 11.84
N POV D . 9.49 -14.75 16.09
P POV D . 9.82 -14.31 11.18
C1 POV D . 8.46 -12.13 11.67
C2 POV D . 7.62 -11.32 10.69
C3 POV D . 6.15 -11.69 10.87
C210 POV D . 4.44 -3.51 8.04
C310 POV D . 0.30 -6.95 5.96
C11 POV D . 9.62 -15.14 13.66
O11 POV D . 8.40 -13.49 11.32
C211 POV D . 5.50 -2.50 8.47
C311 POV D . 0.60 -5.81 5.00
C12 POV D . 9.37 -14.13 14.78
O12 POV D . 10.42 -14.55 12.70
C212 POV D . 5.20 -1.14 7.84
C312 POV D . -0.70 -5.25 4.45
C13 POV D . 8.46 -15.76 16.24
O13 POV D . 10.79 -13.49 10.37
C213 POV D . 3.70 -0.88 7.87
C313 POV D . -0.79 -5.56 2.95
C14 POV D . 9.32 -13.73 17.11
O14 POV D . 9.57 -15.64 10.51
C214 POV D . 3.42 0.58 7.55
C314 POV D . -2.09 -5.01 2.38
C15 POV D . 10.79 -15.36 16.23
C215 POV D . 3.47 1.41 8.84
C315 POV D . -2.11 -3.49 2.52
C216 POV D . 2.67 2.69 8.65
C316 POV D . -2.98 -2.89 1.41
C217 POV D . 3.11 3.38 7.36
C218 POV D . 2.83 4.88 7.46
C21 POV D . 8.93 -10.74 8.83
O21 POV D . 8.00 -11.62 9.38
C22 POV D . 8.73 -10.23 7.40
O22 POV D . 9.87 -10.38 9.46
C23 POV D . 7.24 -10.20 7.08
C24 POV D . 6.96 -9.14 6.01
C25 POV D . 7.26 -7.77 6.60
C26 POV D . 6.29 -7.47 7.73
C27 POV D . 6.64 -6.13 8.37
C28 POV D . 6.29 -5.00 7.41
C29 POV D . 4.80 -4.67 7.54
C31 POV D . 5.23 -13.40 9.56
O31 POV D . 5.61 -12.06 9.64
C32 POV D . 4.65 -13.96 8.26
O32 POV D . 5.36 -14.11 10.50
C33 POV D . 3.14 -13.70 8.21
C34 POV D . 2.87 -12.20 8.08
C35 POV D . 1.37 -11.96 8.00
C36 POV D . 1.05 -10.61 8.63
C37 POV D . 0.59 -9.64 7.54
C38 POV D . 1.58 -8.49 7.43
C39 POV D . 1.50 -7.89 6.04
C01 C14 E . 13.02 -8.72 4.84
C02 C14 E . 11.68 -9.44 4.72
C03 C14 E . 10.54 -8.43 4.83
C04 C14 E . 10.61 -7.45 3.65
C05 C14 E . 9.51 -6.41 3.77
C06 C14 E . 10.13 -5.01 3.68
C07 C14 E . 9.20 -4.09 2.90
C08 C14 E . 8.31 -3.33 3.88
C09 C14 E . 7.68 -2.14 3.16
C10 C14 E . 7.23 -1.10 4.19
C11 C14 E . 6.61 0.10 3.48
C12 C14 E . 6.11 1.08 4.53
C13 C14 E . 5.82 2.43 3.87
C14 C14 E . 5.88 3.53 4.92
C01 C14 F . 18.86 -0.51 -4.76
C02 C14 F . 18.09 -0.29 -6.05
C03 C14 F . 16.65 -0.75 -5.88
C04 C14 F . 15.99 0.05 -4.76
C05 C14 F . 14.57 -0.45 -4.54
C06 C14 F . 13.64 0.20 -5.56
C07 C14 F . 12.65 -0.84 -6.10
C08 C14 F . 11.88 -1.44 -4.93
C09 C14 F . 11.06 -2.62 -5.43
C10 C14 F . 9.65 -2.52 -4.85
C11 C14 F . 8.99 -1.24 -5.33
C12 C14 F . 7.52 -1.24 -4.90
C13 C14 F . 6.85 0.04 -5.38
C14 C14 F . 7.53 1.23 -4.71
C01 C14 G . 2.83 -7.03 -19.65
C02 C14 G . 2.74 -5.58 -20.13
C03 C14 G . 1.27 -5.19 -20.30
C04 C14 G . 1.20 -3.76 -20.84
C05 C14 G . -0.26 -3.38 -21.06
C06 C14 G . -0.31 -1.96 -21.65
C07 C14 G . -1.76 -1.49 -21.74
C08 C14 G . -1.76 0.03 -21.91
C09 C14 G . -3.06 0.47 -22.57
C10 C14 G . -3.13 2.00 -22.60
C11 C14 G . -4.41 2.43 -23.31
C12 C14 G . -4.88 3.77 -22.75
C13 C14 G . -6.41 3.79 -22.74
C14 C14 G . -6.89 5.13 -22.18
C1 UND H . -0.05 -1.26 6.75
C2 UND H . -0.54 -2.11 7.93
C3 UND H . 0.60 -3.00 8.42
C4 UND H . 0.02 -4.23 9.13
C5 UND H . -0.41 -3.86 10.54
C6 UND H . -0.81 -5.11 11.30
C7 UND H . 0.29 -6.16 11.21
C8 UND H . 0.52 -6.80 12.58
C9 UND H . -0.77 -7.46 13.07
C10 UND H . -0.95 -8.81 12.39
C11 UND H . -2.20 -9.49 12.96
C1 UND I . 0.59 6.39 -24.11
C2 UND I . -0.13 5.85 -22.87
C3 UND I . 0.65 6.23 -21.63
C4 UND I . 2.02 5.55 -21.66
C5 UND I . 2.85 6.02 -20.47
C6 UND I . 4.19 5.29 -20.45
C7 UND I . 3.95 3.79 -20.22
C8 UND I . 5.23 3.16 -19.67
C9 UND I . 5.57 3.82 -18.32
C10 UND I . 6.80 3.15 -17.73
C11 UND I . 7.09 3.74 -16.36
C1 UND J . 15.65 -0.85 -17.38
C2 UND J . 16.26 -1.67 -16.25
C3 UND J . 17.23 -2.69 -16.83
C4 UND J . 17.99 -3.36 -15.69
C5 UND J . 19.20 -4.11 -16.26
C6 UND J . 20.27 -4.28 -15.18
C7 UND J . 19.83 -5.35 -14.19
C8 UND J . 20.53 -6.67 -14.52
C9 UND J . 21.29 -7.16 -13.29
C10 UND J . 22.53 -7.94 -13.74
C11 UND J . 23.46 -8.14 -12.55
C1 UND K . 0.52 23.53 24.57
C2 UND K . -0.24 22.24 24.33
C3 UND K . -0.19 21.88 22.85
C4 UND K . -1.39 20.99 22.51
C5 UND K . -0.91 19.66 21.95
C6 UND K . -0.93 19.69 20.42
C7 UND K . 0.43 19.25 19.88
C8 UND K . 0.54 17.73 19.93
C9 UND K . 1.98 17.32 19.66
C10 UND K . 2.05 15.85 19.26
C11 UND K . 3.52 15.42 19.17
C1 UND L . 18.92 44.46 14.54
C2 UND L . 17.59 44.20 13.83
C3 UND L . 17.00 42.88 14.31
C4 UND L . 17.65 41.72 13.55
C5 UND L . 17.00 40.40 13.97
C6 UND L . 17.85 39.76 15.06
C7 UND L . 17.40 38.31 15.29
C8 UND L . 18.39 37.60 16.19
C9 UND L . 17.99 36.13 16.36
C10 UND L . 16.64 36.06 17.07
C11 UND L . 16.44 34.66 17.65
N POV M . -11.59 10.19 -14.93
P POV M . -10.84 8.06 -10.98
C1 POV M . -10.09 6.06 -9.46
C2 POV M . -10.18 6.03 -7.94
C3 POV M . -10.01 7.47 -7.42
C210 POV M . -5.20 -1.33 -1.04
C310 POV M . -3.20 2.35 -6.87
C11 POV M . -11.56 8.21 -13.48
O11 POV M . -11.16 6.77 -9.99
C211 POV M . -6.29 -0.40 -0.56
C311 POV M . -3.41 1.16 -5.93
C12 POV M . -10.72 9.24 -14.24
O12 POV M . -10.77 7.55 -12.54
C212 POV M . -6.48 -0.60 0.95
C312 POV M . -2.07 0.44 -5.72
C13 POV M . -12.56 10.75 -14.00
O13 POV M . -9.52 8.68 -10.59
C213 POV M . -7.23 -1.90 1.20
C313 POV M . -2.00 -0.75 -6.69
C14 POV M . -12.29 9.50 -16.01
O14 POV M . -11.93 9.09 -10.85
C214 POV M . -6.55 -2.66 2.34
C314 POV M . -1.46 -1.96 -5.93
C15 POV M . -10.78 11.26 -15.49
C215 POV M . -7.60 -3.09 3.36
C315 POV M . 0.03 -1.77 -5.64
C216 POV M . -8.33 -1.86 3.90
C316 POV M . 0.79 -1.68 -6.96
C217 POV M . -8.12 -1.75 5.41
C218 POV M . -6.87 -0.93 5.69
C21 POV M . -9.48 3.91 -7.20
O21 POV M . -9.15 5.25 -7.42
C22 POV M . -8.44 2.94 -6.66
O22 POV M . -10.58 3.52 -7.45
C23 POV M . -8.70 2.69 -5.17
C24 POV M . -9.35 1.33 -4.99
C25 POV M . -8.29 0.23 -5.06
C26 POV M . -7.11 0.58 -4.16
C27 POV M . -6.10 -0.56 -4.18
C28 POV M . -6.49 -1.59 -3.12
C29 POV M . -5.28 -1.89 -2.23
C31 POV M . -8.35 8.94 -6.69
O31 POV M . -8.74 7.60 -6.86
C32 POV M . -7.26 9.29 -5.67
O32 POV M . -8.87 9.80 -7.32
C33 POV M . -5.95 8.62 -6.07
C34 POV M . -5.60 7.56 -5.03
C35 POV M . -6.25 6.24 -5.41
C36 POV M . -5.71 5.12 -4.50
C37 POV M . -4.19 5.18 -4.49
C38 POV M . -3.63 3.82 -4.92
C39 POV M . -4.02 3.53 -6.36
N POV N . -10.22 18.57 3.40
P POV N . -7.23 15.77 1.43
C1 POV N . -5.20 14.11 1.38
C2 POV N . -4.62 13.48 0.12
C3 POV N . -5.74 13.31 -0.91
C210 POV N . 2.55 4.82 -0.36
C310 POV N . -3.38 6.33 3.39
C11 POV N . -8.00 17.58 3.15
O11 POV N . -5.65 15.40 1.10
C211 POV N . 2.27 5.69 -1.57
C311 POV N . -1.95 5.89 3.11
C12 POV N . -9.44 17.35 3.58
O12 POV N . -7.36 16.35 2.96
C212 POV N . 3.04 5.13 -2.77
C312 POV N . -1.69 4.52 3.73
C13 POV N . -10.06 19.08 2.05
O13 POV N . -8.08 14.53 1.29
C213 POV N . 4.52 5.47 -2.64
C313 POV N . -1.02 4.72 5.09
C14 POV N . -9.77 19.58 4.35
O14 POV N . -7.72 16.82 0.47
C214 POV N . 5.35 4.24 -2.97
C314 POV N . 0.13 3.71 5.22
C15 POV N . -11.63 18.29 3.64
C215 POV N . 6.44 4.61 -3.98
C315 POV N . -0.44 2.31 5.42
C216 POV N . 5.80 5.20 -5.23
C316 POV N . -1.24 2.27 6.73
C217 POV N . 6.17 4.33 -6.44
C218 POV N . 5.12 3.23 -6.62
C21 POV N . -2.74 12.21 0.74
O21 POV N . -4.10 12.22 0.41
C22 POV N . -2.06 10.89 1.10
O22 POV N . -2.12 13.22 0.73
C23 POV N . -1.23 10.40 -0.08
C24 POV N . 0.25 10.68 0.18
C25 POV N . 0.82 9.62 1.11
C26 POV N . 0.43 8.22 0.63
C27 POV N . 1.08 7.17 1.53
C28 POV N . 2.49 6.87 1.00
C29 POV N . 2.65 5.36 0.84
C31 POV N . -7.33 11.75 -1.60
O31 POV N . -6.10 11.96 -0.98
C32 POV N . -7.65 10.38 -2.21
O32 POV N . -8.13 12.62 -1.66
C33 POV N . -7.65 9.32 -1.12
C34 POV N . -6.47 8.36 -1.35
C35 POV N . -5.24 8.91 -0.66
C36 POV N . -4.12 7.85 -0.70
C37 POV N . -4.68 6.52 -0.20
C38 POV N . -3.84 6.02 0.97
C39 POV N . -3.96 6.98 2.14
NA NA O . -17.99 -19.69 -11.10
N POV P . 15.33 -17.97 -2.98
P POV P . 13.11 -15.92 0.93
C1 POV P . 11.83 -14.63 -0.95
C2 POV P . 11.07 -13.32 -0.81
C3 POV P . 11.95 -12.18 -1.31
C210 POV P . 4.38 -8.13 -3.38
C310 POV P . 8.06 -4.07 -1.54
C11 POV P . 14.77 -17.02 -0.78
O11 POV P . 12.92 -14.62 -0.05
C211 POV P . 3.29 -9.09 -3.82
C311 POV P . 6.62 -3.72 -1.18
C12 POV P . 14.36 -17.16 -2.23
O12 POV P . 13.64 -17.19 0.02
C212 POV P . 1.99 -8.34 -4.04
C312 POV P . 6.38 -2.24 -1.45
C13 POV P . 16.61 -17.29 -2.99
O13 POV P . 11.78 -16.27 1.57
C213 POV P . 2.28 -7.00 -4.71
C313 POV P . 6.16 -1.52 -0.12
C14 POV P . 14.85 -18.13 -4.34
O14 POV P . 14.12 -15.59 2.01
C214 POV P . 0.98 -6.39 -5.23
C314 POV P . 5.92 -0.03 -0.35
C15 POV P . 15.46 -19.25 -2.34
C215 POV P . 0.69 -6.90 -6.64
C315 POV P . 4.64 0.15 -1.18
C216 POV P . -0.22 -5.91 -7.36
C316 POV P . 4.03 1.51 -0.86
C217 POV P . -1.43 -5.60 -6.47
C218 POV P . -2.60 -5.17 -7.34
C21 POV P . 9.46 -13.51 0.89
O21 POV P . 10.74 -13.09 0.53
C22 POV P . 8.59 -12.60 1.75
O22 POV P . 9.05 -14.57 0.54
C23 POV P . 8.95 -11.14 1.48
C24 POV P . 7.75 -10.25 1.76
C25 POV P . 6.65 -10.58 0.75
C26 POV P . 7.12 -10.20 -0.65
C27 POV P . 6.05 -10.61 -1.67
C28 POV P . 4.85 -9.68 -1.52
C29 POV P . 5.11 -8.39 -2.31
C31 POV P . 13.29 -11.03 0.24
O31 POV P . 12.02 -11.19 -0.32
C32 POV P . 13.52 -10.00 1.34
O32 POV P . 14.20 -11.68 -0.16
C33 POV P . 13.79 -8.62 0.74
C34 POV P . 12.52 -8.10 0.06
C35 POV P . 12.79 -6.72 -0.52
C36 POV P . 11.94 -6.52 -1.77
C37 POV P . 10.87 -5.47 -1.49
C38 POV P . 9.49 -6.11 -1.58
C39 POV P . 8.50 -5.30 -0.75
C01 C14 Q . 4.91 -14.94 4.65
C02 C14 Q . 5.96 -13.82 4.61
C03 C14 Q . 5.49 -12.73 3.65
C04 C14 Q . 4.20 -12.09 4.19
C05 C14 Q . 3.71 -11.03 3.22
C06 C14 Q . 2.25 -11.31 2.86
C07 C14 Q . 1.48 -10.00 2.75
C08 C14 Q . 1.46 -9.56 1.29
C09 C14 Q . 0.38 -8.49 1.10
C10 C14 Q . -0.01 -8.42 -0.37
C11 C14 Q . -1.09 -7.37 -0.57
C12 C14 Q . -1.42 -7.27 -2.05
C13 C14 Q . -2.74 -6.50 -2.23
C14 C14 Q . -3.34 -6.87 -3.58
C01 C14 R . -7.58 -14.36 10.71
C02 C14 R . -7.96 -13.05 11.40
C03 C14 R . -7.02 -11.94 10.97
C04 C14 R . -7.10 -11.77 9.46
C05 C14 R . -6.11 -10.70 9.01
C06 C14 R . -6.72 -9.32 9.21
C07 C14 R . -5.67 -8.37 9.79
C08 C14 R . -4.47 -8.32 8.84
C09 C14 R . -3.34 -7.55 9.51
C10 C14 R . -2.75 -6.58 8.49
C11 C14 R . -3.82 -5.58 8.06
C12 C14 R . -3.17 -4.50 7.20
C13 C14 R . -4.23 -3.49 6.76
C14 C14 R . -5.27 -4.21 5.91
C01 C14 S . -1.70 5.53 20.25
C02 C14 S . -3.10 6.05 19.94
C03 C14 S . -3.00 7.48 19.38
C04 C14 S . -4.42 8.01 19.14
C05 C14 S . -4.34 9.44 18.63
C06 C14 S . -5.76 9.97 18.43
C07 C14 S . -5.72 11.35 17.79
C08 C14 S . -7.11 11.67 17.22
C09 C14 S . -7.29 13.17 17.11
C10 C14 S . -8.61 13.48 16.39
C11 C14 S . -8.81 14.99 16.33
C12 C14 S . -9.62 15.35 15.09
C13 C14 S . -9.12 16.68 14.54
C14 C14 S . -9.93 17.04 13.29
C1 UND T . 3.49 -3.27 -4.94
C2 UND T . 4.80 -3.51 -5.68
C3 UND T . 5.37 -4.87 -5.27
C4 UND T . 6.88 -4.87 -5.48
C5 UND T . 7.20 -5.10 -6.95
C6 UND T . 8.70 -5.29 -7.13
C7 UND T . 9.21 -6.37 -6.18
C8 UND T . 10.17 -7.30 -6.93
C9 UND T . 11.35 -6.50 -7.48
C10 UND T . 12.36 -6.24 -6.36
C11 UND T . 13.57 -5.52 -6.94
C1 UND U . -14.22 11.60 16.91
C2 UND U . -13.08 11.57 15.89
C3 UND U . -13.24 10.37 14.98
C4 UND U . -13.12 9.08 15.79
C5 UND U . -13.39 7.88 14.90
C6 UND U . -13.20 6.59 15.69
C7 UND U . -11.73 6.46 16.11
C8 UND U . -11.42 5.00 16.40
C9 UND U . -11.63 4.18 15.12
C10 UND U . -11.26 2.72 15.38
C11 UND U . -11.39 1.93 14.09
C1 UND V . -10.62 -5.77 20.04
C2 UND V . -9.72 -6.96 19.71
C3 UND V . -9.35 -7.70 20.99
C4 UND V . -8.63 -8.99 20.64
C5 UND V . -8.58 -9.89 21.87
C6 UND V . -8.42 -11.35 21.44
C7 UND V . -6.98 -11.59 20.98
C8 UND V . -6.18 -12.25 22.11
C9 UND V . -5.58 -13.55 21.60
C10 UND V . -5.48 -14.55 22.76
C11 UND V . -5.20 -15.94 22.20
C1 UND W . -12.14 -8.22 -30.71
C2 UND W . -10.83 -7.64 -30.19
C3 UND W . -11.05 -7.05 -28.80
C4 UND W . -9.99 -5.98 -28.53
C5 UND W . -9.19 -6.35 -27.29
C6 UND W . -9.74 -5.62 -26.06
C7 UND W . -10.00 -6.62 -24.94
C8 UND W . -8.70 -6.97 -24.24
C9 UND W . -8.92 -8.17 -23.32
C10 UND W . -7.79 -8.28 -22.30
C11 UND W . -7.95 -9.58 -21.51
C1 UND X . -40.14 -16.47 -25.75
C2 UND X . -39.71 -15.03 -25.52
C3 UND X . -38.19 -14.93 -25.51
C4 UND X . -37.66 -15.33 -24.13
C5 UND X . -36.14 -15.16 -24.09
C6 UND X . -35.49 -16.50 -24.38
C7 UND X . -33.99 -16.43 -24.06
C8 UND X . -33.39 -17.83 -24.12
C9 UND X . -31.91 -17.77 -23.72
C10 UND X . -31.13 -16.93 -24.74
C11 UND X . -29.65 -17.24 -24.63
#